data_6Z2H
#
_entry.id   6Z2H
#
_cell.length_a   68.436
_cell.length_b   114.271
_cell.length_c   144.108
_cell.angle_alpha   90.000
_cell.angle_beta   90.000
_cell.angle_gamma   90.000
#
_symmetry.space_group_name_H-M   'P 21 21 21'
#
loop_
_entity.id
_entity.type
_entity.pdbx_description
1 polymer 'ATP-citrate synthase'
2 non-polymer '(3S)-citryl-Coenzyme A'
3 non-polymer 'OXALOACETATE ION'
4 non-polymer 'ACETYL COENZYME *A'
5 water water
#
_entity_poly.entity_id   1
_entity_poly.type   'polypeptide(L)'
_entity_poly.pdbx_seq_one_letter_code
;GSHMKPASFMTSICDERGQELIYAGMPITEVFKEEMGIGGVLGLLWFQKRLPKYSCQFIEMCLMVTADHGPAVSGAHNTI
ICARAGKDLVSSLTSGLLTIGDRFGGALDAAAKMFSKAFDSGIIPMEFVNKMKKEGKLIMGIGHRVKSINNPDMRVQILK
DYVRQHFPATPLLDYALEVEKITTSKKPNLILNVDGLIGVAFVDMLRNCGSFTREEADEYIDIGALNGIFVLGRSMGFIG
HYLDQKRLKQGLYRHPWDDISYVLPEHMSM
;
_entity_poly.pdbx_strand_id   A,B,C,D
#
# COMPACT_ATOMS: atom_id res chain seq x y z
N SER A 2 1.66 -15.21 -36.44
CA SER A 2 2.43 -14.63 -37.52
C SER A 2 2.03 -13.18 -37.83
N HIS A 3 0.82 -12.76 -37.44
CA HIS A 3 0.41 -11.39 -37.71
C HIS A 3 0.97 -10.44 -36.66
N MET A 4 1.08 -9.19 -37.04
CA MET A 4 1.59 -8.16 -36.13
C MET A 4 0.49 -7.79 -35.17
N LYS A 5 0.77 -7.94 -33.87
CA LYS A 5 -0.08 -7.47 -32.78
C LYS A 5 0.31 -6.04 -32.42
N PRO A 6 -0.62 -5.08 -32.42
CA PRO A 6 -0.29 -3.74 -31.94
C PRO A 6 0.17 -3.80 -30.49
N ALA A 7 1.08 -2.90 -30.11
CA ALA A 7 1.54 -2.87 -28.73
C ALA A 7 0.40 -2.44 -27.81
N SER A 8 0.25 -3.13 -26.68
N SER A 8 0.26 -3.14 -26.69
CA SER A 8 -0.84 -2.81 -25.76
CA SER A 8 -0.81 -2.84 -25.74
C SER A 8 -0.49 -1.71 -24.77
C SER A 8 -0.50 -1.66 -24.84
N PHE A 9 0.80 -1.36 -24.63
CA PHE A 9 1.23 -0.26 -23.77
C PHE A 9 1.91 0.82 -24.61
N MET A 10 1.79 2.04 -24.14
CA MET A 10 2.49 3.19 -24.72
C MET A 10 3.29 3.85 -23.61
N THR A 11 4.44 4.41 -23.97
CA THR A 11 5.30 5.04 -22.97
C THR A 11 6.11 6.14 -23.66
N SER A 12 6.42 7.22 -22.90
CA SER A 12 7.01 8.44 -23.46
C SER A 12 8.24 8.99 -22.72
N ILE A 13 8.59 8.47 -21.54
CA ILE A 13 9.46 9.22 -20.64
C ILE A 13 10.88 8.67 -20.57
N CYS A 14 11.08 7.38 -20.81
CA CYS A 14 12.37 6.77 -20.55
C CYS A 14 12.55 5.57 -21.47
N ASP A 15 13.73 5.47 -22.08
CA ASP A 15 14.09 4.37 -22.98
C ASP A 15 15.37 3.73 -22.45
N GLU A 16 15.26 2.50 -21.93
CA GLU A 16 16.39 1.74 -21.41
C GLU A 16 16.88 0.66 -22.38
N ARG A 17 16.33 0.62 -23.59
CA ARG A 17 16.60 -0.48 -24.50
C ARG A 17 17.94 -0.36 -25.21
N GLY A 18 18.52 0.83 -25.26
CA GLY A 18 19.64 1.11 -26.14
C GLY A 18 20.98 1.08 -25.42
N GLN A 19 21.99 1.60 -26.12
CA GLN A 19 23.35 1.51 -25.58
C GLN A 19 23.53 2.36 -24.33
N GLU A 20 22.70 3.39 -24.14
CA GLU A 20 22.67 4.04 -22.84
C GLU A 20 21.26 4.57 -22.55
N LEU A 21 21.00 4.73 -21.27
CA LEU A 21 19.69 5.15 -20.78
C LEU A 21 19.34 6.54 -21.29
N ILE A 22 18.07 6.75 -21.67
CA ILE A 22 17.59 8.03 -22.18
C ILE A 22 16.44 8.50 -21.29
N TYR A 23 16.54 9.74 -20.79
CA TYR A 23 15.43 10.39 -20.08
C TYR A 23 14.81 11.44 -21.00
N ALA A 24 13.58 11.20 -21.44
CA ALA A 24 12.84 12.14 -22.32
C ALA A 24 13.71 12.64 -23.47
N GLY A 25 14.38 11.73 -24.13
CA GLY A 25 15.26 12.10 -25.25
C GLY A 25 16.63 12.65 -24.88
N MET A 26 16.94 12.85 -23.61
CA MET A 26 18.30 13.26 -23.20
C MET A 26 19.07 12.05 -22.74
N PRO A 27 20.15 11.65 -23.42
CA PRO A 27 20.97 10.54 -22.92
C PRO A 27 21.53 10.85 -21.53
N ILE A 28 21.69 9.79 -20.74
CA ILE A 28 22.11 9.98 -19.35
C ILE A 28 23.47 10.65 -19.29
N THR A 29 24.36 10.40 -20.27
CA THR A 29 25.66 11.09 -20.23
C THR A 29 25.49 12.60 -20.40
N GLU A 30 24.53 13.05 -21.19
CA GLU A 30 24.29 14.48 -21.39
C GLU A 30 23.59 15.10 -20.18
N VAL A 31 22.69 14.35 -19.55
CA VAL A 31 22.12 14.77 -18.27
C VAL A 31 23.21 15.21 -17.29
N PHE A 32 24.28 14.39 -17.18
CA PHE A 32 25.33 14.70 -16.22
C PHE A 32 26.30 15.75 -16.76
N LYS A 33 26.63 15.67 -18.06
CA LYS A 33 27.48 16.69 -18.68
C LYS A 33 26.88 18.08 -18.53
N GLU A 34 25.57 18.21 -18.68
CA GLU A 34 24.87 19.48 -18.60
C GLU A 34 24.48 19.86 -17.18
N GLU A 35 24.88 19.07 -16.17
CA GLU A 35 24.65 19.40 -14.76
C GLU A 35 23.17 19.59 -14.46
N MET A 36 22.34 18.70 -15.00
CA MET A 36 20.89 18.85 -14.87
C MET A 36 20.43 18.69 -13.42
N GLY A 37 21.13 17.89 -12.63
CA GLY A 37 20.78 17.70 -11.23
C GLY A 37 19.42 16.99 -11.10
N ILE A 38 19.00 16.78 -9.86
CA ILE A 38 17.75 16.08 -9.61
C ILE A 38 16.56 16.88 -10.15
N GLY A 39 16.59 18.20 -9.98
CA GLY A 39 15.50 19.02 -10.50
C GLY A 39 15.35 18.91 -12.00
N GLY A 40 16.47 18.84 -12.73
CA GLY A 40 16.38 18.72 -14.17
C GLY A 40 15.89 17.36 -14.62
N VAL A 41 16.28 16.31 -13.90
CA VAL A 41 15.81 14.96 -14.22
C VAL A 41 14.30 14.88 -14.00
N LEU A 42 13.79 15.55 -12.96
CA LEU A 42 12.36 15.58 -12.75
C LEU A 42 11.68 16.35 -13.89
N GLY A 43 12.25 17.47 -14.33
CA GLY A 43 11.73 18.13 -15.49
C GLY A 43 11.59 17.23 -16.69
N LEU A 44 12.61 16.40 -16.94
CA LEU A 44 12.59 15.49 -18.08
C LEU A 44 11.52 14.42 -17.89
N LEU A 45 11.57 13.75 -16.75
CA LEU A 45 10.72 12.58 -16.56
C LEU A 45 9.26 12.94 -16.29
N TRP A 46 8.99 14.03 -15.58
CA TRP A 46 7.59 14.38 -15.35
C TRP A 46 7.01 15.30 -16.40
N PHE A 47 7.79 16.27 -16.89
CA PHE A 47 7.25 17.32 -17.74
C PHE A 47 7.78 17.24 -19.18
N GLN A 48 8.67 16.29 -19.47
CA GLN A 48 9.13 16.04 -20.83
C GLN A 48 9.89 17.23 -21.40
N LYS A 49 10.50 18.03 -20.55
CA LYS A 49 11.15 19.25 -21.01
C LYS A 49 12.49 19.45 -20.32
N ARG A 50 13.40 20.15 -21.01
CA ARG A 50 14.61 20.64 -20.35
C ARG A 50 14.29 22.01 -19.79
N LEU A 51 14.14 22.09 -18.49
CA LEU A 51 13.66 23.31 -17.87
C LEU A 51 14.79 24.27 -17.62
N PRO A 52 14.47 25.58 -17.54
CA PRO A 52 15.48 26.57 -17.16
C PRO A 52 16.11 26.26 -15.81
N LYS A 53 17.36 26.74 -15.64
CA LYS A 53 18.11 26.44 -14.42
C LYS A 53 17.36 26.92 -13.19
N TYR A 54 16.74 28.11 -13.27
CA TYR A 54 16.05 28.59 -12.07
C TYR A 54 14.83 27.73 -11.73
N SER A 55 14.21 27.11 -12.73
CA SER A 55 13.09 26.21 -12.49
C SER A 55 13.55 24.89 -11.87
N CYS A 56 14.66 24.33 -12.39
CA CYS A 56 15.27 23.15 -11.78
C CYS A 56 15.65 23.42 -10.34
N GLN A 57 16.24 24.60 -10.06
CA GLN A 57 16.60 24.90 -8.69
C GLN A 57 15.35 25.08 -7.82
N PHE A 58 14.29 25.61 -8.38
CA PHE A 58 13.07 25.76 -7.60
C PHE A 58 12.53 24.40 -7.23
N ILE A 59 12.50 23.48 -8.20
CA ILE A 59 12.04 22.12 -7.92
C ILE A 59 12.84 21.49 -6.80
N GLU A 60 14.17 21.65 -6.82
CA GLU A 60 14.99 21.09 -5.75
C GLU A 60 14.70 21.76 -4.41
N MET A 61 14.44 23.06 -4.41
CA MET A 61 14.10 23.74 -3.16
C MET A 61 12.80 23.21 -2.59
N CYS A 62 11.85 22.90 -3.48
CA CYS A 62 10.57 22.36 -3.03
C CYS A 62 10.77 21.00 -2.40
N LEU A 63 11.59 20.15 -3.01
CA LEU A 63 11.86 18.84 -2.43
C LEU A 63 12.57 18.99 -1.08
N MET A 64 13.44 19.97 -0.95
CA MET A 64 14.14 20.18 0.29
C MET A 64 13.22 20.70 1.38
N VAL A 65 12.31 21.64 1.06
CA VAL A 65 11.53 22.26 2.13
C VAL A 65 10.38 21.35 2.55
N THR A 66 9.97 20.42 1.69
CA THR A 66 8.91 19.48 2.04
C THR A 66 9.46 18.18 2.63
N ALA A 67 10.76 18.07 2.83
CA ALA A 67 11.37 16.79 3.15
C ALA A 67 10.83 16.22 4.45
N ASP A 68 10.73 17.04 5.50
CA ASP A 68 10.08 16.53 6.72
C ASP A 68 9.43 17.64 7.52
N HIS A 69 8.44 17.28 8.33
CA HIS A 69 7.86 18.24 9.25
C HIS A 69 7.50 17.56 10.57
N GLY A 70 8.34 16.63 11.00
CA GLY A 70 8.27 15.98 12.30
C GLY A 70 7.42 14.72 12.32
N PRO A 71 7.38 14.09 13.50
CA PRO A 71 6.73 12.77 13.65
C PRO A 71 5.26 12.81 13.97
N ALA A 72 4.69 13.98 14.20
CA ALA A 72 3.31 14.08 14.65
C ALA A 72 2.30 14.07 13.51
N VAL A 73 2.73 14.43 12.30
CA VAL A 73 1.77 14.50 11.20
C VAL A 73 1.37 13.09 10.78
N SER A 74 0.17 13.02 10.19
CA SER A 74 -0.46 11.74 9.92
C SER A 74 0.48 10.72 9.29
N GLY A 75 1.15 11.10 8.21
CA GLY A 75 1.96 10.13 7.50
C GLY A 75 3.21 9.70 8.27
N ALA A 76 3.85 10.64 8.94
CA ALA A 76 5.05 10.25 9.69
C ALA A 76 4.68 9.37 10.86
N HIS A 77 3.58 9.69 11.49
CA HIS A 77 3.03 8.92 12.62
C HIS A 77 2.74 7.49 12.20
N ASN A 78 2.08 7.30 11.07
CA ASN A 78 1.82 5.96 10.55
C ASN A 78 3.11 5.24 10.15
N THR A 79 4.05 5.91 9.47
CA THR A 79 5.30 5.24 9.15
C THR A 79 6.01 4.77 10.42
N ILE A 80 6.02 5.61 11.46
CA ILE A 80 6.68 5.28 12.70
C ILE A 80 6.03 4.07 13.34
N ILE A 81 4.70 4.03 13.36
N ILE A 81 4.70 4.02 13.35
CA ILE A 81 3.96 2.91 13.94
CA ILE A 81 4.00 2.89 13.94
C ILE A 81 4.29 1.62 13.20
C ILE A 81 4.28 1.61 13.17
N CYS A 82 4.37 1.68 11.87
N CYS A 82 4.30 1.70 11.84
CA CYS A 82 4.66 0.52 11.07
CA CYS A 82 4.70 0.58 11.01
C CYS A 82 6.10 0.04 11.26
C CYS A 82 6.08 0.07 11.38
N ALA A 83 7.05 0.97 11.44
CA ALA A 83 8.42 0.58 11.73
C ALA A 83 8.50 -0.07 13.10
N ARG A 84 7.75 0.47 14.06
CA ARG A 84 7.75 -0.09 15.41
C ARG A 84 7.01 -1.42 15.48
N ALA A 85 6.23 -1.76 14.47
CA ALA A 85 5.61 -3.07 14.36
C ALA A 85 6.54 -4.09 13.72
N GLY A 86 7.75 -3.69 13.40
CA GLY A 86 8.75 -4.61 12.88
C GLY A 86 8.78 -4.73 11.38
N LYS A 87 8.08 -3.88 10.66
CA LYS A 87 7.96 -4.02 9.21
C LYS A 87 9.15 -3.39 8.48
N ASP A 88 9.24 -3.74 7.21
CA ASP A 88 10.35 -3.33 6.35
C ASP A 88 10.21 -1.87 5.91
N LEU A 89 11.27 -1.38 5.25
CA LEU A 89 11.31 0.03 4.85
C LEU A 89 10.17 0.40 3.89
N VAL A 90 9.91 -0.42 2.89
CA VAL A 90 8.95 -0.05 1.87
C VAL A 90 7.51 -0.09 2.44
N SER A 91 7.20 -1.10 3.25
CA SER A 91 5.89 -1.16 3.88
C SER A 91 5.66 0.04 4.80
N SER A 92 6.67 0.40 5.57
CA SER A 92 6.53 1.48 6.52
C SER A 92 6.38 2.83 5.81
N LEU A 93 7.21 3.07 4.79
CA LEU A 93 7.09 4.26 3.99
C LEU A 93 5.70 4.38 3.38
N THR A 94 5.22 3.32 2.72
CA THR A 94 3.97 3.41 2.02
C THR A 94 2.79 3.53 2.96
N SER A 95 2.87 2.90 4.14
CA SER A 95 1.82 3.11 5.15
C SER A 95 1.65 4.60 5.47
N GLY A 96 2.74 5.37 5.47
CA GLY A 96 2.64 6.80 5.64
C GLY A 96 2.22 7.58 4.40
N LEU A 97 2.77 7.21 3.24
CA LEU A 97 2.41 7.91 2.01
C LEU A 97 0.91 7.84 1.78
N LEU A 98 0.29 6.73 2.16
CA LEU A 98 -1.13 6.57 1.90
C LEU A 98 -2.02 7.49 2.73
N THR A 99 -1.46 8.26 3.69
CA THR A 99 -2.25 9.30 4.33
C THR A 99 -2.32 10.60 3.52
N ILE A 100 -1.52 10.71 2.47
CA ILE A 100 -1.37 11.98 1.75
C ILE A 100 -2.57 12.19 0.86
N GLY A 101 -3.24 13.33 1.05
CA GLY A 101 -4.47 13.65 0.35
C GLY A 101 -4.98 15.04 0.63
N ASP A 102 -6.31 15.19 0.58
CA ASP A 102 -6.94 16.50 0.61
C ASP A 102 -6.67 17.25 1.91
N ARG A 103 -6.51 16.54 3.02
CA ARG A 103 -6.32 17.21 4.31
C ARG A 103 -4.85 17.34 4.69
N PHE A 104 -4.03 16.31 4.43
CA PHE A 104 -2.59 16.29 4.77
C PHE A 104 -1.77 16.13 3.50
N GLY A 105 -1.00 17.15 3.14
CA GLY A 105 0.06 16.98 2.16
C GLY A 105 -0.28 17.02 0.69
N GLY A 106 -1.51 16.70 0.34
CA GLY A 106 -1.86 16.55 -1.06
C GLY A 106 -2.96 17.49 -1.50
N ALA A 107 -2.87 18.74 -1.07
CA ALA A 107 -3.81 19.78 -1.51
C ALA A 107 -3.22 20.65 -2.60
N LEU A 108 -2.03 20.31 -3.12
CA LEU A 108 -1.39 21.15 -4.14
C LEU A 108 -2.21 21.18 -5.43
N ASP A 109 -2.66 20.02 -5.90
CA ASP A 109 -3.49 19.97 -7.10
C ASP A 109 -4.70 20.89 -6.96
N ALA A 110 -5.46 20.67 -5.89
CA ALA A 110 -6.73 21.39 -5.73
C ALA A 110 -6.48 22.88 -5.53
N ALA A 111 -5.39 23.23 -4.84
CA ALA A 111 -5.10 24.65 -4.61
C ALA A 111 -4.80 25.36 -5.93
N ALA A 112 -3.94 24.75 -6.74
CA ALA A 112 -3.63 25.32 -8.05
C ALA A 112 -4.89 25.48 -8.88
N LYS A 113 -5.75 24.47 -8.86
CA LYS A 113 -6.95 24.54 -9.68
C LYS A 113 -7.89 25.63 -9.19
N MET A 114 -8.12 25.68 -7.88
CA MET A 114 -9.06 26.62 -7.28
C MET A 114 -8.60 28.06 -7.42
N PHE A 115 -7.34 28.33 -7.10
CA PHE A 115 -6.82 29.69 -7.27
C PHE A 115 -6.76 30.10 -8.73
N SER A 116 -6.32 29.21 -9.61
CA SER A 116 -6.32 29.53 -11.04
C SER A 116 -7.71 29.90 -11.54
N LYS A 117 -8.72 29.11 -11.15
CA LYS A 117 -10.08 29.37 -11.58
C LYS A 117 -10.53 30.75 -11.14
N ALA A 118 -10.32 31.08 -9.87
CA ALA A 118 -10.74 32.38 -9.37
C ALA A 118 -10.01 33.50 -10.09
N PHE A 119 -8.69 33.38 -10.22
CA PHE A 119 -7.90 34.40 -10.90
C PHE A 119 -8.33 34.59 -12.35
N ASP A 120 -8.42 33.49 -13.10
CA ASP A 120 -8.79 33.58 -14.51
C ASP A 120 -10.23 34.12 -14.68
N SER A 121 -11.10 33.85 -13.70
CA SER A 121 -12.49 34.28 -13.74
C SER A 121 -12.65 35.79 -13.58
N GLY A 122 -11.60 36.48 -13.16
CA GLY A 122 -11.66 37.90 -12.90
C GLY A 122 -12.19 38.32 -11.55
N ILE A 123 -12.67 37.41 -10.69
CA ILE A 123 -13.14 37.88 -9.39
C ILE A 123 -11.93 38.29 -8.55
N ILE A 124 -12.13 39.26 -7.67
CA ILE A 124 -11.05 39.80 -6.85
C ILE A 124 -10.91 38.91 -5.61
N PRO A 125 -9.81 39.04 -4.88
CA PRO A 125 -9.59 38.10 -3.76
C PRO A 125 -10.75 38.08 -2.76
N MET A 126 -11.27 39.24 -2.37
CA MET A 126 -12.38 39.25 -1.42
C MET A 126 -13.59 38.53 -1.97
N GLU A 127 -13.86 38.68 -3.26
CA GLU A 127 -15.01 38.01 -3.83
C GLU A 127 -14.84 36.50 -3.83
N PHE A 128 -13.61 36.04 -4.07
CA PHE A 128 -13.30 34.61 -4.02
C PHE A 128 -13.53 34.05 -2.62
N VAL A 129 -13.00 34.73 -1.58
CA VAL A 129 -13.18 34.26 -0.22
C VAL A 129 -14.68 34.17 0.13
N ASN A 130 -15.44 35.21 -0.23
CA ASN A 130 -16.87 35.23 0.12
C ASN A 130 -17.64 34.15 -0.61
N LYS A 131 -17.29 33.91 -1.88
CA LYS A 131 -17.97 32.86 -2.64
C LYS A 131 -17.71 31.48 -2.05
N MET A 132 -16.46 31.19 -1.71
N MET A 132 -16.45 31.19 -1.68
CA MET A 132 -16.17 29.89 -1.10
CA MET A 132 -16.17 29.89 -1.09
C MET A 132 -16.93 29.72 0.21
C MET A 132 -16.92 29.72 0.22
N LYS A 133 -17.06 30.81 0.97
CA LYS A 133 -17.79 30.74 2.24
C LYS A 133 -19.26 30.51 1.99
N LYS A 134 -19.84 31.16 0.97
CA LYS A 134 -21.25 30.98 0.67
C LYS A 134 -21.52 29.54 0.23
N GLU A 135 -20.73 29.04 -0.72
CA GLU A 135 -20.68 27.59 -0.90
C GLU A 135 -20.14 27.00 0.40
N GLY A 136 -20.10 25.67 0.49
CA GLY A 136 -19.55 25.12 1.72
C GLY A 136 -18.13 24.61 1.57
N LYS A 137 -17.25 25.39 0.95
CA LYS A 137 -16.01 24.84 0.38
C LYS A 137 -14.76 25.40 1.03
N LEU A 138 -13.93 24.50 1.54
CA LEU A 138 -12.62 24.88 2.05
C LEU A 138 -11.77 25.46 0.93
N ILE A 139 -10.98 26.48 1.25
CA ILE A 139 -10.01 26.99 0.30
C ILE A 139 -8.78 26.08 0.39
N MET A 140 -8.52 25.33 -0.67
N MET A 140 -8.51 25.33 -0.67
CA MET A 140 -7.41 24.39 -0.65
CA MET A 140 -7.41 24.39 -0.65
C MET A 140 -6.09 25.15 -0.75
C MET A 140 -6.09 25.15 -0.75
N GLY A 141 -5.12 24.73 0.05
CA GLY A 141 -3.86 25.45 0.16
C GLY A 141 -3.87 26.51 1.25
N ILE A 142 -4.96 26.66 1.97
CA ILE A 142 -5.09 27.59 3.08
C ILE A 142 -5.32 26.77 4.33
N GLY A 143 -4.72 27.19 5.43
CA GLY A 143 -5.01 26.54 6.71
C GLY A 143 -3.87 25.67 7.20
N HIS A 144 -3.72 25.61 8.53
CA HIS A 144 -2.70 24.73 9.12
C HIS A 144 -3.07 24.44 10.56
N ARG A 145 -2.74 23.24 11.02
CA ARG A 145 -3.09 22.82 12.36
C ARG A 145 -2.24 23.49 13.45
N VAL A 146 -0.98 23.86 13.17
CA VAL A 146 -0.14 24.46 14.20
C VAL A 146 0.53 25.77 13.77
N LYS A 147 0.84 25.90 12.49
CA LYS A 147 1.38 27.16 11.98
C LYS A 147 0.23 28.18 11.80
N SER A 148 0.59 29.49 11.79
CA SER A 148 -0.43 30.51 11.81
C SER A 148 0.20 31.89 11.70
N ILE A 149 -0.60 32.96 11.78
CA ILE A 149 0.02 34.28 11.71
C ILE A 149 0.91 34.52 12.93
N ASN A 150 0.60 33.87 14.07
CA ASN A 150 1.44 34.02 15.26
C ASN A 150 2.58 33.01 15.32
N ASN A 151 2.65 32.09 14.36
CA ASN A 151 3.67 31.06 14.31
C ASN A 151 3.97 30.81 12.85
N PRO A 152 4.75 31.68 12.22
CA PRO A 152 4.87 31.63 10.76
C PRO A 152 5.73 30.47 10.28
N ASP A 153 5.47 30.07 9.03
CA ASP A 153 6.09 28.92 8.40
C ASP A 153 7.27 29.40 7.58
N MET A 154 8.49 29.10 8.05
CA MET A 154 9.68 29.55 7.33
C MET A 154 9.83 28.88 5.96
N ARG A 155 9.25 27.69 5.76
CA ARG A 155 9.26 27.09 4.43
C ARG A 155 8.62 28.01 3.39
N VAL A 156 7.46 28.58 3.74
CA VAL A 156 6.73 29.49 2.85
C VAL A 156 7.55 30.72 2.57
N GLN A 157 8.19 31.25 3.61
CA GLN A 157 9.04 32.43 3.42
C GLN A 157 10.17 32.17 2.44
N ILE A 158 10.87 31.04 2.61
CA ILE A 158 11.98 30.70 1.74
C ILE A 158 11.52 30.55 0.30
N LEU A 159 10.40 29.86 0.08
CA LEU A 159 9.89 29.70 -1.27
C LEU A 159 9.48 31.05 -1.88
N LYS A 160 8.72 31.85 -1.13
CA LYS A 160 8.29 33.16 -1.61
C LYS A 160 9.51 33.99 -2.03
N ASP A 161 10.52 34.00 -1.17
CA ASP A 161 11.69 34.81 -1.44
C ASP A 161 12.32 34.38 -2.75
N TYR A 162 12.45 33.07 -2.96
CA TYR A 162 13.09 32.59 -4.18
C TYR A 162 12.26 32.93 -5.41
N VAL A 163 10.95 32.73 -5.35
CA VAL A 163 10.10 32.97 -6.50
C VAL A 163 10.16 34.45 -6.91
N ARG A 164 10.14 35.35 -5.95
CA ARG A 164 10.12 36.78 -6.28
C ARG A 164 11.43 37.23 -6.92
N GLN A 165 12.54 36.58 -6.57
CA GLN A 165 13.84 36.90 -7.14
C GLN A 165 14.10 36.25 -8.50
N HIS A 166 13.39 35.19 -8.83
CA HIS A 166 13.84 34.41 -10.00
C HIS A 166 12.76 34.19 -11.05
N PHE A 167 11.52 34.18 -10.64
CA PHE A 167 10.49 33.95 -11.65
C PHE A 167 10.27 35.23 -12.45
N PRO A 168 9.98 35.12 -13.74
CA PRO A 168 9.67 36.35 -14.52
C PRO A 168 8.34 36.97 -14.16
N ALA A 169 7.33 36.20 -13.72
CA ALA A 169 6.01 36.71 -13.37
C ALA A 169 5.42 35.84 -12.27
N THR A 170 4.71 36.45 -11.34
CA THR A 170 4.07 35.70 -10.24
C THR A 170 2.66 36.19 -9.98
N PRO A 171 1.80 36.28 -11.01
CA PRO A 171 0.46 36.85 -10.76
C PRO A 171 -0.40 35.99 -9.85
N LEU A 172 -0.29 34.65 -9.93
CA LEU A 172 -1.14 33.83 -9.11
C LEU A 172 -0.66 33.83 -7.66
N LEU A 173 0.66 33.81 -7.46
CA LEU A 173 1.17 33.94 -6.10
C LEU A 173 0.69 35.25 -5.50
N ASP A 174 0.77 36.33 -6.27
CA ASP A 174 0.34 37.63 -5.73
C ASP A 174 -1.12 37.60 -5.32
N TYR A 175 -1.97 37.04 -6.19
CA TYR A 175 -3.38 36.86 -5.89
C TYR A 175 -3.57 36.04 -4.62
N ALA A 176 -2.82 34.94 -4.49
CA ALA A 176 -3.00 34.07 -3.33
C ALA A 176 -2.57 34.77 -2.05
N LEU A 177 -1.56 35.64 -2.12
CA LEU A 177 -1.14 36.36 -0.92
C LEU A 177 -2.19 37.39 -0.51
N GLU A 178 -2.90 37.95 -1.47
CA GLU A 178 -4.02 38.85 -1.15
C GLU A 178 -5.13 38.09 -0.45
N VAL A 179 -5.46 36.90 -0.96
CA VAL A 179 -6.43 36.05 -0.28
C VAL A 179 -6.00 35.79 1.16
N GLU A 180 -4.71 35.42 1.35
CA GLU A 180 -4.24 35.08 2.67
C GLU A 180 -4.37 36.27 3.62
N LYS A 181 -4.11 37.48 3.10
CA LYS A 181 -4.31 38.70 3.90
C LYS A 181 -5.73 38.75 4.44
N ILE A 182 -6.73 38.36 3.64
CA ILE A 182 -8.13 38.36 4.07
C ILE A 182 -8.42 37.20 5.01
N THR A 183 -8.02 35.98 4.66
CA THR A 183 -8.39 34.86 5.52
C THR A 183 -7.70 34.94 6.88
N THR A 184 -6.46 35.43 6.94
CA THR A 184 -5.80 35.48 8.24
C THR A 184 -6.36 36.59 9.13
N SER A 185 -6.95 37.63 8.54
CA SER A 185 -7.61 38.64 9.36
C SER A 185 -8.78 38.03 10.13
N LYS A 186 -9.49 37.08 9.51
CA LYS A 186 -10.65 36.48 10.13
C LYS A 186 -10.29 35.33 11.08
N LYS A 187 -9.30 34.52 10.73
CA LYS A 187 -8.98 33.32 11.50
C LYS A 187 -7.47 33.16 11.39
N PRO A 188 -6.74 33.17 12.50
CA PRO A 188 -5.27 33.32 12.40
C PRO A 188 -4.53 32.12 11.82
N ASN A 189 -5.10 30.92 11.79
CA ASN A 189 -4.35 29.82 11.19
C ASN A 189 -4.72 29.56 9.73
N LEU A 190 -5.52 30.44 9.10
CA LEU A 190 -5.84 30.33 7.66
C LEU A 190 -4.72 30.97 6.83
N ILE A 191 -3.50 30.53 7.10
CA ILE A 191 -2.35 30.95 6.33
C ILE A 191 -2.31 30.22 5.00
N LEU A 192 -1.59 30.80 4.06
CA LEU A 192 -1.16 30.11 2.85
C LEU A 192 -0.13 29.07 3.23
N ASN A 193 -0.51 27.80 3.18
CA ASN A 193 0.35 26.74 3.66
C ASN A 193 1.27 26.31 2.52
N VAL A 194 2.18 25.38 2.84
CA VAL A 194 3.21 25.01 1.88
C VAL A 194 2.59 24.36 0.65
N ASP A 195 1.49 23.62 0.83
CA ASP A 195 0.80 23.09 -0.34
C ASP A 195 0.28 24.20 -1.24
N GLY A 196 -0.30 25.25 -0.63
CA GLY A 196 -0.87 26.32 -1.44
C GLY A 196 0.21 27.12 -2.12
N LEU A 197 1.31 27.39 -1.41
CA LEU A 197 2.41 28.17 -1.98
C LEU A 197 3.03 27.42 -3.16
N ILE A 198 3.38 26.15 -2.96
CA ILE A 198 3.98 25.39 -4.04
C ILE A 198 3.00 25.24 -5.20
N GLY A 199 1.73 24.98 -4.89
CA GLY A 199 0.70 24.90 -5.91
C GLY A 199 0.63 26.16 -6.78
N VAL A 200 0.43 27.32 -6.19
CA VAL A 200 0.29 28.52 -7.02
C VAL A 200 1.61 28.88 -7.66
N ALA A 201 2.73 28.61 -7.01
CA ALA A 201 4.02 28.95 -7.62
C ALA A 201 4.32 28.08 -8.84
N PHE A 202 3.90 26.80 -8.79
CA PHE A 202 4.08 25.99 -9.99
C PHE A 202 3.18 26.46 -11.14
N VAL A 203 1.97 26.96 -10.84
CA VAL A 203 1.14 27.49 -11.91
C VAL A 203 1.85 28.65 -12.59
N ASP A 204 2.38 29.56 -11.79
CA ASP A 204 3.13 30.69 -12.31
C ASP A 204 4.34 30.22 -13.12
N MET A 205 5.02 29.17 -12.65
CA MET A 205 6.19 28.68 -13.38
C MET A 205 5.79 28.03 -14.71
N LEU A 206 4.82 27.14 -14.68
CA LEU A 206 4.43 26.45 -15.90
C LEU A 206 3.85 27.40 -16.95
N ARG A 207 3.13 28.44 -16.52
CA ARG A 207 2.48 29.33 -17.47
C ARG A 207 3.49 30.31 -18.07
N ASN A 208 4.52 30.68 -17.31
CA ASN A 208 5.40 31.78 -17.69
C ASN A 208 6.85 31.42 -17.91
N CYS A 209 7.26 30.18 -17.70
CA CYS A 209 8.69 29.90 -17.85
C CYS A 209 9.11 29.74 -19.31
N GLY A 210 8.16 29.64 -20.24
CA GLY A 210 8.46 29.58 -21.65
C GLY A 210 8.50 28.17 -22.23
N SER A 211 8.61 27.13 -21.39
CA SER A 211 8.69 25.76 -21.89
C SER A 211 7.34 25.14 -22.20
N PHE A 212 6.24 25.78 -21.81
CA PHE A 212 4.92 25.19 -21.96
C PHE A 212 3.96 26.17 -22.61
N THR A 213 3.05 25.63 -23.39
CA THR A 213 1.86 26.35 -23.80
C THR A 213 0.86 26.36 -22.65
N ARG A 214 -0.10 27.29 -22.71
CA ARG A 214 -1.18 27.30 -21.72
C ARG A 214 -1.84 25.94 -21.65
N GLU A 215 -2.13 25.34 -22.81
CA GLU A 215 -2.77 24.03 -22.84
C GLU A 215 -1.96 23.02 -22.05
N GLU A 216 -0.65 22.98 -22.28
CA GLU A 216 0.22 22.05 -21.58
C GLU A 216 0.24 22.33 -20.08
N ALA A 217 0.38 23.60 -19.70
CA ALA A 217 0.37 23.95 -18.28
C ALA A 217 -0.91 23.48 -17.60
N ASP A 218 -2.07 23.75 -18.22
CA ASP A 218 -3.34 23.36 -17.64
C ASP A 218 -3.43 21.83 -17.53
N GLU A 219 -2.90 21.12 -18.52
CA GLU A 219 -2.95 19.66 -18.48
C GLU A 219 -2.14 19.11 -17.30
N TYR A 220 -0.97 19.68 -17.05
CA TYR A 220 -0.16 19.12 -15.95
C TYR A 220 -0.85 19.37 -14.61
N ILE A 221 -1.51 20.51 -14.44
CA ILE A 221 -2.28 20.71 -13.21
C ILE A 221 -3.38 19.65 -13.13
N ASP A 222 -4.07 19.44 -14.25
CA ASP A 222 -5.25 18.58 -14.26
C ASP A 222 -4.90 17.11 -13.97
N ILE A 223 -3.78 16.62 -14.48
CA ILE A 223 -3.46 15.20 -14.26
C ILE A 223 -2.78 14.91 -12.92
N GLY A 224 -2.49 15.95 -12.12
CA GLY A 224 -2.03 15.73 -10.79
C GLY A 224 -0.54 15.72 -10.59
N ALA A 225 0.22 16.42 -11.44
CA ALA A 225 1.66 16.45 -11.29
C ALA A 225 2.10 17.13 -10.00
N LEU A 226 1.39 18.19 -9.58
CA LEU A 226 1.86 19.00 -8.48
C LEU A 226 1.87 18.25 -7.16
N ASN A 227 0.86 17.41 -6.89
CA ASN A 227 0.89 16.64 -5.66
C ASN A 227 2.14 15.77 -5.58
N GLY A 228 2.70 15.37 -6.72
CA GLY A 228 3.87 14.52 -6.70
C GLY A 228 5.07 15.18 -6.06
N ILE A 229 5.13 16.51 -6.15
CA ILE A 229 6.23 17.23 -5.53
C ILE A 229 6.27 16.96 -4.03
N PHE A 230 5.10 17.04 -3.37
CA PHE A 230 5.09 16.79 -1.93
C PHE A 230 5.35 15.32 -1.64
N VAL A 231 4.79 14.42 -2.45
CA VAL A 231 4.94 12.98 -2.21
C VAL A 231 6.41 12.60 -2.30
N LEU A 232 7.10 13.06 -3.32
CA LEU A 232 8.51 12.73 -3.51
C LEU A 232 9.36 13.40 -2.45
N GLY A 233 9.08 14.67 -2.14
CA GLY A 233 9.79 15.37 -1.09
C GLY A 233 9.67 14.72 0.26
N ARG A 234 8.42 14.53 0.71
CA ARG A 234 8.21 14.02 2.04
C ARG A 234 8.63 12.55 2.15
N SER A 235 8.77 11.82 1.03
CA SER A 235 9.29 10.46 1.11
C SER A 235 10.67 10.42 1.76
N MET A 236 11.48 11.46 1.57
N MET A 236 11.49 11.46 1.54
CA MET A 236 12.77 11.47 2.25
CA MET A 236 12.77 11.54 2.24
C MET A 236 12.62 11.51 3.77
C MET A 236 12.59 11.49 3.74
N GLY A 237 11.69 12.33 4.27
CA GLY A 237 11.48 12.35 5.70
C GLY A 237 10.91 11.06 6.25
N PHE A 238 9.92 10.50 5.56
CA PHE A 238 9.34 9.25 6.07
C PHE A 238 10.39 8.13 6.14
N ILE A 239 11.27 8.03 5.14
CA ILE A 239 12.33 7.05 5.19
C ILE A 239 13.26 7.35 6.36
N GLY A 240 13.57 8.62 6.57
CA GLY A 240 14.31 9.01 7.75
C GLY A 240 13.65 8.55 9.04
N HIS A 241 12.34 8.69 9.15
CA HIS A 241 11.66 8.26 10.36
C HIS A 241 11.76 6.75 10.52
N TYR A 242 11.60 6.02 9.44
CA TYR A 242 11.76 4.57 9.52
C TYR A 242 13.14 4.22 10.07
N LEU A 243 14.19 4.79 9.48
CA LEU A 243 15.55 4.47 9.92
C LEU A 243 15.75 4.87 11.37
N ASP A 244 15.28 6.07 11.75
CA ASP A 244 15.36 6.54 13.13
C ASP A 244 14.75 5.53 14.10
N GLN A 245 13.53 5.09 13.82
CA GLN A 245 12.87 4.17 14.73
C GLN A 245 13.61 2.83 14.84
N LYS A 246 14.22 2.37 13.74
CA LYS A 246 14.99 1.13 13.81
C LYS A 246 16.23 1.31 14.69
N ARG A 247 16.89 2.44 14.55
CA ARG A 247 18.06 2.71 15.39
C ARG A 247 17.66 2.87 16.85
N LEU A 248 16.53 3.52 17.11
CA LEU A 248 16.11 3.76 18.48
C LEU A 248 15.58 2.49 19.15
N LYS A 249 15.25 1.47 18.36
CA LYS A 249 14.76 0.18 18.86
C LYS A 249 13.50 0.36 19.69
N GLN A 250 12.64 1.27 19.25
CA GLN A 250 11.33 1.46 19.81
C GLN A 250 10.49 0.22 19.55
N GLY A 251 9.75 -0.19 20.58
CA GLY A 251 8.92 -1.38 20.51
C GLY A 251 7.52 -1.12 19.95
N LEU A 252 6.77 -2.21 19.86
CA LEU A 252 5.41 -2.19 19.33
C LEU A 252 4.53 -1.12 19.98
N TYR A 253 3.85 -0.36 19.14
CA TYR A 253 2.93 0.68 19.60
C TYR A 253 1.52 0.11 19.76
N ARG A 254 0.82 0.57 20.80
CA ARG A 254 -0.62 0.35 20.98
C ARG A 254 -1.20 1.62 21.58
N HIS A 255 -2.26 2.14 20.97
CA HIS A 255 -2.76 3.44 21.43
C HIS A 255 -3.42 3.30 22.78
N PRO A 256 -3.24 4.29 23.69
CA PRO A 256 -3.82 4.14 25.04
C PRO A 256 -5.34 4.24 25.05
N TRP A 257 -5.95 3.32 25.80
CA TRP A 257 -7.40 3.34 25.93
C TRP A 257 -7.91 4.66 26.51
N ASP A 258 -7.11 5.33 27.37
CA ASP A 258 -7.61 6.57 27.99
C ASP A 258 -7.77 7.69 26.99
N ASP A 259 -7.23 7.56 25.78
CA ASP A 259 -7.37 8.56 24.72
C ASP A 259 -8.45 8.18 23.73
N ILE A 260 -9.26 7.15 24.03
CA ILE A 260 -10.29 6.66 23.13
C ILE A 260 -11.61 6.62 23.87
N SER A 261 -12.63 7.22 23.29
CA SER A 261 -13.99 7.11 23.80
C SER A 261 -14.70 6.01 23.04
N TYR A 262 -15.02 4.92 23.74
CA TYR A 262 -15.79 3.82 23.15
C TYR A 262 -17.29 4.09 23.36
N VAL A 263 -18.04 4.23 22.27
CA VAL A 263 -19.49 4.44 22.32
C VAL A 263 -20.18 3.45 21.41
N LEU A 264 -20.24 2.18 21.81
CA LEU A 264 -20.92 1.14 21.03
C LEU A 264 -22.43 1.22 21.23
N PRO A 265 -23.20 0.62 20.31
CA PRO A 265 -24.66 0.53 20.46
C PRO A 265 -25.03 -0.24 21.73
N PRO B 6 5.64 8.99 30.83
CA PRO B 6 6.72 9.02 29.82
C PRO B 6 6.21 9.10 28.36
N ALA B 7 6.96 9.77 27.49
CA ALA B 7 6.46 10.04 26.14
C ALA B 7 6.39 8.74 25.33
N SER B 8 5.29 8.59 24.60
CA SER B 8 5.05 7.40 23.81
C SER B 8 5.78 7.40 22.49
N PHE B 9 6.21 8.54 21.99
CA PHE B 9 7.00 8.59 20.77
C PHE B 9 8.34 9.26 21.06
N MET B 10 9.36 8.81 20.35
CA MET B 10 10.70 9.40 20.42
C MET B 10 11.18 9.63 19.00
N THR B 11 11.88 10.75 18.77
CA THR B 11 12.29 11.10 17.42
C THR B 11 13.59 11.89 17.45
N SER B 12 14.40 11.70 16.41
CA SER B 12 15.74 12.31 16.36
C SER B 12 15.98 13.26 15.19
N ILE B 13 15.11 13.35 14.18
CA ILE B 13 15.57 13.86 12.90
C ILE B 13 15.10 15.27 12.58
N CYS B 14 13.96 15.72 13.13
CA CYS B 14 13.33 16.96 12.69
C CYS B 14 12.53 17.54 13.85
N ASP B 15 12.69 18.85 14.09
CA ASP B 15 11.94 19.54 15.14
C ASP B 15 11.19 20.72 14.52
N GLU B 16 9.86 20.64 14.51
CA GLU B 16 8.99 21.65 13.90
C GLU B 16 8.21 22.45 14.95
N ARG B 17 8.58 22.34 16.23
CA ARG B 17 7.82 22.94 17.32
C ARG B 17 8.12 24.42 17.47
N GLY B 18 9.29 24.85 17.04
CA GLY B 18 9.66 26.25 17.10
C GLY B 18 9.12 27.03 15.93
N GLN B 19 9.39 28.33 15.93
CA GLN B 19 8.97 29.13 14.78
C GLN B 19 9.65 28.65 13.50
N GLU B 20 10.96 28.42 13.57
CA GLU B 20 11.76 27.95 12.44
C GLU B 20 11.99 26.44 12.49
N LEU B 21 11.59 25.75 11.42
CA LEU B 21 11.88 24.32 11.25
C LEU B 21 13.36 23.97 11.36
N ILE B 22 13.66 22.83 12.01
CA ILE B 22 15.02 22.33 12.19
C ILE B 22 15.15 20.91 11.64
N TYR B 23 16.17 20.70 10.79
CA TYR B 23 16.56 19.37 10.33
C TYR B 23 17.83 18.96 11.09
N ALA B 24 17.70 17.97 11.98
CA ALA B 24 18.85 17.39 12.70
C ALA B 24 19.80 18.47 13.24
N GLY B 25 19.24 19.47 13.90
CA GLY B 25 20.05 20.52 14.51
C GLY B 25 20.35 21.70 13.62
N MET B 26 20.07 21.63 12.32
CA MET B 26 20.28 22.81 11.47
C MET B 26 18.97 23.50 11.14
N PRO B 27 18.81 24.78 11.47
CA PRO B 27 17.64 25.52 11.02
C PRO B 27 17.56 25.50 9.49
N ILE B 28 16.32 25.47 8.99
CA ILE B 28 16.14 25.36 7.54
C ILE B 28 16.78 26.52 6.79
N THR B 29 16.80 27.73 7.36
CA THR B 29 17.49 28.81 6.63
C THR B 29 18.98 28.51 6.47
N GLU B 30 19.57 27.85 7.47
CA GLU B 30 21.01 27.54 7.39
C GLU B 30 21.26 26.40 6.40
N VAL B 31 20.32 25.46 6.28
CA VAL B 31 20.43 24.43 5.24
C VAL B 31 20.60 25.08 3.86
N PHE B 32 19.89 26.16 3.58
CA PHE B 32 19.98 26.77 2.27
C PHE B 32 21.18 27.70 2.18
N LYS B 33 21.46 28.44 3.24
CA LYS B 33 22.65 29.29 3.26
C LYS B 33 23.91 28.47 2.99
N GLU B 34 23.98 27.27 3.51
CA GLU B 34 25.13 26.39 3.31
C GLU B 34 25.03 25.57 2.04
N GLU B 35 23.99 25.79 1.23
CA GLU B 35 23.86 25.11 -0.08
C GLU B 35 23.98 23.60 0.08
N MET B 36 23.28 23.05 1.07
N MET B 36 23.28 23.07 1.08
CA MET B 36 23.45 21.63 1.33
CA MET B 36 23.37 21.64 1.39
C MET B 36 22.78 20.75 0.29
C MET B 36 22.80 20.78 0.27
N GLY B 37 21.76 21.27 -0.40
CA GLY B 37 21.12 20.52 -1.47
C GLY B 37 20.35 19.32 -0.95
N ILE B 38 19.79 18.56 -1.91
CA ILE B 38 19.00 17.38 -1.54
C ILE B 38 19.87 16.33 -0.85
N GLY B 39 21.11 16.15 -1.32
CA GLY B 39 21.99 15.18 -0.68
C GLY B 39 22.29 15.54 0.77
N GLY B 40 22.54 16.82 1.03
CA GLY B 40 22.83 17.25 2.39
C GLY B 40 21.61 17.12 3.30
N VAL B 41 20.42 17.39 2.78
CA VAL B 41 19.19 17.17 3.56
C VAL B 41 19.02 15.70 3.90
N LEU B 42 19.31 14.82 2.93
CA LEU B 42 19.23 13.37 3.20
C LEU B 42 20.23 12.97 4.29
N GLY B 43 21.45 13.49 4.22
CA GLY B 43 22.40 13.23 5.29
C GLY B 43 21.88 13.64 6.66
N LEU B 44 21.22 14.79 6.74
CA LEU B 44 20.66 15.24 8.02
C LEU B 44 19.51 14.34 8.47
N LEU B 45 18.57 14.07 7.57
CA LEU B 45 17.35 13.38 7.98
C LEU B 45 17.57 11.89 8.15
N TRP B 46 18.39 11.26 7.29
CA TRP B 46 18.59 9.82 7.40
C TRP B 46 19.70 9.45 8.38
N PHE B 47 20.74 10.28 8.51
CA PHE B 47 21.91 9.92 9.29
C PHE B 47 22.22 10.87 10.43
N GLN B 48 21.54 12.02 10.51
CA GLN B 48 21.80 13.04 11.53
C GLN B 48 23.27 13.49 11.50
N LYS B 49 23.80 13.59 10.30
CA LYS B 49 25.18 14.02 10.09
C LYS B 49 25.19 15.10 9.03
N ARG B 50 26.12 16.03 9.18
CA ARG B 50 26.44 16.98 8.11
C ARG B 50 27.53 16.32 7.26
N LEU B 51 27.15 15.79 6.12
CA LEU B 51 28.09 15.02 5.33
C LEU B 51 28.98 15.96 4.51
N PRO B 52 30.17 15.50 4.14
CA PRO B 52 31.01 16.30 3.23
C PRO B 52 30.31 16.58 1.91
N LYS B 53 30.72 17.68 1.27
CA LYS B 53 30.05 18.09 0.04
C LYS B 53 30.09 17.00 -1.03
N TYR B 54 31.22 16.32 -1.16
CA TYR B 54 31.34 15.33 -2.24
C TYR B 54 30.46 14.12 -1.96
N SER B 55 30.22 13.82 -0.68
CA SER B 55 29.29 12.77 -0.31
C SER B 55 27.87 13.14 -0.69
N CYS B 56 27.48 14.36 -0.37
CA CYS B 56 26.15 14.87 -0.77
C CYS B 56 25.96 14.82 -2.27
N GLN B 57 26.98 15.22 -3.04
CA GLN B 57 26.85 15.16 -4.50
C GLN B 57 26.75 13.71 -4.98
N PHE B 58 27.54 12.82 -4.38
CA PHE B 58 27.47 11.41 -4.71
C PHE B 58 26.05 10.88 -4.52
N ILE B 59 25.44 11.21 -3.37
CA ILE B 59 24.06 10.79 -3.10
C ILE B 59 23.10 11.28 -4.19
N GLU B 60 23.20 12.55 -4.57
CA GLU B 60 22.34 13.06 -5.61
C GLU B 60 22.57 12.34 -6.93
N MET B 61 23.83 12.00 -7.25
CA MET B 61 24.10 11.26 -8.47
C MET B 61 23.45 9.90 -8.44
N CYS B 62 23.44 9.25 -7.27
CA CYS B 62 22.77 7.96 -7.16
C CYS B 62 21.27 8.09 -7.41
N LEU B 63 20.64 9.12 -6.83
CA LEU B 63 19.21 9.36 -7.06
C LEU B 63 18.92 9.64 -8.53
N MET B 64 19.81 10.35 -9.20
CA MET B 64 19.58 10.63 -10.61
C MET B 64 19.72 9.38 -11.46
N VAL B 65 20.71 8.54 -11.14
CA VAL B 65 21.01 7.34 -11.92
C VAL B 65 19.93 6.29 -11.73
N THR B 66 19.32 6.25 -10.56
CA THR B 66 18.28 5.25 -10.27
C THR B 66 16.87 5.76 -10.58
N ALA B 67 16.74 6.96 -11.15
CA ALA B 67 15.42 7.61 -11.21
C ALA B 67 14.43 6.78 -12.01
N ASP B 68 14.83 6.27 -13.17
CA ASP B 68 13.96 5.35 -13.90
C ASP B 68 14.78 4.36 -14.72
N HIS B 69 14.17 3.23 -15.00
CA HIS B 69 14.75 2.30 -15.99
C HIS B 69 13.66 1.70 -16.85
N GLY B 70 12.69 2.51 -17.26
CA GLY B 70 11.68 2.10 -18.23
C GLY B 70 10.45 1.49 -17.62
N PRO B 71 9.43 1.27 -18.46
CA PRO B 71 8.09 0.87 -18.01
C PRO B 71 7.90 -0.63 -17.86
N ALA B 72 8.91 -1.41 -18.19
CA ALA B 72 8.77 -2.87 -18.24
C ALA B 72 9.09 -3.58 -16.93
N VAL B 73 9.95 -2.99 -16.09
CA VAL B 73 10.29 -3.60 -14.80
C VAL B 73 9.05 -3.67 -13.90
N SER B 74 9.11 -4.57 -12.93
CA SER B 74 7.92 -4.94 -12.16
C SER B 74 7.21 -3.73 -11.58
N GLY B 75 7.94 -2.86 -10.89
CA GLY B 75 7.27 -1.78 -10.20
C GLY B 75 6.70 -0.73 -11.12
N ALA B 76 7.43 -0.41 -12.19
CA ALA B 76 6.89 0.58 -13.12
C ALA B 76 5.64 0.02 -13.79
N HIS B 77 5.68 -1.23 -14.14
CA HIS B 77 4.53 -1.88 -14.75
C HIS B 77 3.33 -1.82 -13.83
N ASN B 78 3.51 -2.17 -12.55
CA ASN B 78 2.38 -2.15 -11.62
C ASN B 78 1.82 -0.74 -11.46
N THR B 79 2.70 0.28 -11.39
CA THR B 79 2.23 1.65 -11.31
C THR B 79 1.41 1.99 -12.55
N ILE B 80 1.87 1.54 -13.72
CA ILE B 80 1.20 1.84 -14.97
C ILE B 80 -0.19 1.20 -15.00
N ILE B 81 -0.28 -0.03 -14.51
CA ILE B 81 -1.58 -0.72 -14.45
C ILE B 81 -2.57 0.05 -13.57
N CYS B 82 -2.09 0.54 -12.42
N CYS B 82 -2.11 0.51 -12.40
CA CYS B 82 -2.94 1.32 -11.52
CA CYS B 82 -2.96 1.33 -11.52
C CYS B 82 -3.37 2.63 -12.15
C CYS B 82 -3.39 2.62 -12.19
N ALA B 83 -2.47 3.30 -12.85
CA ALA B 83 -2.82 4.53 -13.56
C ALA B 83 -3.88 4.25 -14.62
N ARG B 84 -3.76 3.11 -15.35
CA ARG B 84 -4.74 2.76 -16.35
C ARG B 84 -6.06 2.30 -15.74
N ALA B 85 -6.04 1.91 -14.50
CA ALA B 85 -7.28 1.60 -13.77
C ALA B 85 -7.93 2.84 -13.17
N GLY B 86 -7.43 4.03 -13.49
CA GLY B 86 -8.02 5.28 -13.05
C GLY B 86 -7.70 5.70 -11.63
N LYS B 87 -6.67 5.13 -11.03
CA LYS B 87 -6.37 5.42 -9.65
C LYS B 87 -5.56 6.71 -9.52
N ASP B 88 -5.47 7.21 -8.31
CA ASP B 88 -4.73 8.42 -7.96
C ASP B 88 -3.23 8.18 -7.92
N LEU B 89 -2.47 9.27 -7.83
CA LEU B 89 -1.02 9.19 -7.89
C LEU B 89 -0.43 8.34 -6.75
N VAL B 90 -0.88 8.58 -5.51
CA VAL B 90 -0.27 7.91 -4.37
C VAL B 90 -0.56 6.42 -4.41
N SER B 91 -1.81 6.06 -4.74
CA SER B 91 -2.14 4.65 -4.84
C SER B 91 -1.30 3.96 -5.90
N SER B 92 -1.12 4.60 -7.06
CA SER B 92 -0.43 4.00 -8.20
C SER B 92 1.06 3.89 -7.93
N LEU B 93 1.65 4.95 -7.35
CA LEU B 93 3.02 4.90 -6.91
C LEU B 93 3.26 3.77 -5.92
N THR B 94 2.41 3.68 -4.89
N THR B 94 2.42 3.67 -4.89
CA THR B 94 2.58 2.68 -3.85
CA THR B 94 2.64 2.67 -3.86
C THR B 94 2.47 1.28 -4.42
C THR B 94 2.44 1.26 -4.39
N SER B 95 1.51 1.06 -5.34
CA SER B 95 1.39 -0.27 -5.95
C SER B 95 2.70 -0.71 -6.58
N GLY B 96 3.43 0.21 -7.18
CA GLY B 96 4.73 -0.10 -7.71
C GLY B 96 5.86 -0.22 -6.71
N LEU B 97 5.89 0.67 -5.71
CA LEU B 97 6.94 0.58 -4.70
C LEU B 97 6.87 -0.75 -3.96
N LEU B 98 5.66 -1.29 -3.79
CA LEU B 98 5.51 -2.51 -3.04
C LEU B 98 6.16 -3.72 -3.70
N THR B 99 6.57 -3.59 -4.97
CA THR B 99 7.29 -4.66 -5.65
C THR B 99 8.78 -4.66 -5.32
N ILE B 100 9.27 -3.64 -4.61
CA ILE B 100 10.70 -3.43 -4.40
C ILE B 100 11.18 -4.15 -3.15
N GLY B 101 12.32 -4.80 -3.26
CA GLY B 101 13.04 -5.18 -2.07
C GLY B 101 13.78 -6.49 -2.17
N ASP B 102 13.35 -7.34 -3.09
CA ASP B 102 13.94 -8.66 -3.23
C ASP B 102 14.46 -8.81 -4.65
N ARG B 103 13.74 -9.51 -5.53
CA ARG B 103 14.23 -9.75 -6.89
C ARG B 103 14.24 -8.49 -7.73
N PHE B 104 13.53 -7.45 -7.31
CA PHE B 104 13.52 -6.18 -8.05
C PHE B 104 13.91 -5.06 -7.08
N GLY B 105 15.00 -4.37 -7.38
CA GLY B 105 15.43 -3.25 -6.57
C GLY B 105 16.20 -3.61 -5.32
N GLY B 106 16.43 -4.90 -5.06
CA GLY B 106 17.16 -5.33 -3.89
C GLY B 106 18.64 -5.55 -4.07
N ALA B 107 19.17 -5.39 -5.28
CA ALA B 107 20.57 -5.76 -5.53
C ALA B 107 21.55 -4.72 -5.02
N LEU B 108 21.14 -3.45 -4.87
CA LEU B 108 22.04 -2.49 -4.24
C LEU B 108 22.39 -2.95 -2.82
N ASP B 109 21.36 -3.23 -2.02
CA ASP B 109 21.55 -3.73 -0.66
C ASP B 109 22.29 -5.06 -0.66
N ALA B 110 21.88 -5.98 -1.52
CA ALA B 110 22.45 -7.32 -1.54
C ALA B 110 23.94 -7.28 -1.87
N ALA B 111 24.33 -6.42 -2.81
CA ALA B 111 25.73 -6.33 -3.22
C ALA B 111 26.58 -5.64 -2.16
N ALA B 112 26.09 -4.53 -1.60
CA ALA B 112 26.74 -3.94 -0.43
C ALA B 112 27.01 -4.98 0.64
N LYS B 113 26.03 -5.81 0.96
CA LYS B 113 26.21 -6.74 2.07
C LYS B 113 27.20 -7.82 1.70
N MET B 114 27.08 -8.36 0.48
CA MET B 114 27.92 -9.49 0.10
C MET B 114 29.38 -9.08 0.02
N PHE B 115 29.65 -7.98 -0.66
CA PHE B 115 31.02 -7.51 -0.74
C PHE B 115 31.58 -7.10 0.63
N SER B 116 30.77 -6.44 1.46
CA SER B 116 31.24 -6.05 2.78
C SER B 116 31.63 -7.27 3.61
N LYS B 117 30.83 -8.33 3.51
CA LYS B 117 31.08 -9.56 4.25
C LYS B 117 32.40 -10.22 3.82
N ALA B 118 32.61 -10.35 2.51
CA ALA B 118 33.87 -10.87 1.99
C ALA B 118 35.05 -10.04 2.45
N PHE B 119 35.00 -8.72 2.20
CA PHE B 119 36.08 -7.83 2.61
C PHE B 119 36.38 -7.96 4.09
N ASP B 120 35.34 -8.00 4.94
CA ASP B 120 35.54 -8.08 6.38
C ASP B 120 36.00 -9.47 6.81
N SER B 121 35.80 -10.48 5.97
CA SER B 121 36.31 -11.83 6.20
C SER B 121 37.83 -11.89 6.07
N GLY B 122 38.45 -10.83 5.55
CA GLY B 122 39.86 -10.84 5.20
C GLY B 122 40.19 -11.65 3.97
N ILE B 123 39.20 -12.24 3.31
CA ILE B 123 39.45 -13.11 2.16
C ILE B 123 39.74 -12.26 0.93
N ILE B 124 40.71 -12.69 0.14
CA ILE B 124 41.16 -11.94 -1.03
C ILE B 124 40.17 -12.17 -2.17
N PRO B 125 40.11 -11.27 -3.17
CA PRO B 125 39.11 -11.42 -4.22
C PRO B 125 39.04 -12.78 -4.87
N MET B 126 40.20 -13.36 -5.22
CA MET B 126 40.19 -14.64 -5.92
C MET B 126 39.58 -15.73 -5.04
N GLU B 127 39.87 -15.69 -3.74
CA GLU B 127 39.27 -16.66 -2.83
C GLU B 127 37.78 -16.42 -2.67
N PHE B 128 37.35 -15.15 -2.70
CA PHE B 128 35.91 -14.87 -2.58
C PHE B 128 35.16 -15.44 -3.76
N VAL B 129 35.68 -15.20 -4.97
CA VAL B 129 35.02 -15.73 -6.15
C VAL B 129 34.91 -17.24 -6.07
N ASN B 130 35.97 -17.89 -5.57
CA ASN B 130 35.96 -19.35 -5.45
C ASN B 130 35.02 -19.82 -4.35
N LYS B 131 35.05 -19.16 -3.18
CA LYS B 131 34.10 -19.54 -2.13
C LYS B 131 32.66 -19.47 -2.61
N MET B 132 32.32 -18.41 -3.38
CA MET B 132 30.95 -18.26 -3.85
C MET B 132 30.60 -19.30 -4.90
N LYS B 133 31.53 -19.62 -5.81
CA LYS B 133 31.29 -20.71 -6.75
C LYS B 133 31.05 -22.02 -6.00
N LYS B 134 31.85 -22.28 -4.96
CA LYS B 134 31.71 -23.52 -4.19
C LYS B 134 30.41 -23.56 -3.42
N GLU B 135 29.90 -22.42 -2.95
CA GLU B 135 28.64 -22.37 -2.22
C GLU B 135 27.44 -22.20 -3.15
N GLY B 136 27.64 -22.21 -4.47
CA GLY B 136 26.56 -22.09 -5.43
C GLY B 136 25.94 -20.71 -5.56
N LYS B 137 26.48 -19.69 -4.87
CA LYS B 137 25.89 -18.35 -4.83
C LYS B 137 26.41 -17.50 -6.00
N LEU B 138 25.48 -16.84 -6.69
CA LEU B 138 25.91 -15.78 -7.62
C LEU B 138 26.43 -14.59 -6.82
N ILE B 139 27.36 -13.84 -7.40
CA ILE B 139 27.91 -12.66 -6.76
C ILE B 139 27.01 -11.48 -7.07
N MET B 140 26.45 -10.88 -6.02
CA MET B 140 25.51 -9.79 -6.17
C MET B 140 26.22 -8.53 -6.64
N GLY B 141 25.60 -7.84 -7.59
CA GLY B 141 26.19 -6.67 -8.20
C GLY B 141 27.12 -6.96 -9.35
N ILE B 142 27.25 -8.22 -9.76
CA ILE B 142 28.07 -8.61 -10.89
C ILE B 142 27.14 -9.10 -12.00
N GLY B 143 27.43 -8.72 -13.22
CA GLY B 143 26.75 -9.27 -14.40
C GLY B 143 25.77 -8.28 -15.04
N HIS B 144 25.80 -8.24 -16.38
CA HIS B 144 24.78 -7.52 -17.14
C HIS B 144 24.50 -8.20 -18.48
N ARG B 145 23.22 -8.15 -18.88
CA ARG B 145 22.74 -8.86 -20.05
C ARG B 145 23.46 -8.47 -21.34
N VAL B 146 23.98 -7.24 -21.45
CA VAL B 146 24.50 -6.80 -22.74
C VAL B 146 25.89 -6.19 -22.64
N LYS B 147 26.15 -5.43 -21.58
CA LYS B 147 27.40 -4.68 -21.54
C LYS B 147 28.56 -5.59 -21.16
N SER B 148 29.76 -5.10 -21.43
CA SER B 148 30.95 -5.94 -21.49
C SER B 148 32.14 -5.11 -21.07
N ILE B 149 33.27 -5.79 -20.83
CA ILE B 149 34.45 -5.07 -20.38
C ILE B 149 34.93 -4.06 -21.41
N ASN B 150 34.59 -4.24 -22.69
CA ASN B 150 34.89 -3.26 -23.73
C ASN B 150 33.65 -2.60 -24.32
N ASN B 151 32.47 -2.84 -23.73
CA ASN B 151 31.26 -2.07 -23.98
C ASN B 151 30.61 -1.71 -22.65
N PRO B 152 31.08 -0.67 -21.98
CA PRO B 152 30.72 -0.46 -20.57
C PRO B 152 29.34 0.17 -20.37
N ASP B 153 28.79 -0.06 -19.17
CA ASP B 153 27.57 0.58 -18.73
C ASP B 153 27.89 2.03 -18.33
N MET B 154 27.26 2.99 -19.02
CA MET B 154 27.66 4.38 -18.86
C MET B 154 27.25 4.94 -17.49
N ARG B 155 26.21 4.40 -16.87
CA ARG B 155 25.90 4.80 -15.50
C ARG B 155 27.05 4.42 -14.56
N VAL B 156 27.64 3.25 -14.76
CA VAL B 156 28.78 2.84 -13.95
C VAL B 156 29.97 3.75 -14.22
N GLN B 157 30.26 4.04 -15.50
CA GLN B 157 31.39 4.91 -15.81
C GLN B 157 31.25 6.25 -15.11
N ILE B 158 30.07 6.88 -15.22
CA ILE B 158 29.88 8.21 -14.67
C ILE B 158 30.10 8.19 -13.17
N LEU B 159 29.46 7.25 -12.48
CA LEU B 159 29.55 7.24 -11.02
C LEU B 159 30.95 6.82 -10.57
N LYS B 160 31.54 5.83 -11.22
CA LYS B 160 32.88 5.39 -10.87
C LYS B 160 33.89 6.53 -10.96
N ASP B 161 33.84 7.30 -12.06
CA ASP B 161 34.74 8.43 -12.25
C ASP B 161 34.59 9.46 -11.14
N TYR B 162 33.34 9.79 -10.76
CA TYR B 162 33.16 10.77 -9.71
C TYR B 162 33.77 10.25 -8.40
N VAL B 163 33.50 8.99 -8.07
CA VAL B 163 33.95 8.45 -6.81
C VAL B 163 35.48 8.46 -6.74
N ARG B 164 36.12 8.04 -7.82
CA ARG B 164 37.57 7.90 -7.78
C ARG B 164 38.24 9.27 -7.79
N GLN B 165 37.57 10.28 -8.36
CA GLN B 165 38.10 11.63 -8.35
C GLN B 165 37.89 12.34 -7.02
N HIS B 166 36.90 11.94 -6.22
CA HIS B 166 36.55 12.76 -5.06
C HIS B 166 36.64 12.06 -3.73
N PHE B 167 36.54 10.74 -3.69
CA PHE B 167 36.64 10.00 -2.44
C PHE B 167 38.12 9.87 -2.05
N PRO B 168 38.49 10.19 -0.80
CA PRO B 168 39.89 9.99 -0.38
C PRO B 168 40.31 8.53 -0.40
N ALA B 169 39.41 7.62 -0.07
CA ALA B 169 39.74 6.20 0.01
C ALA B 169 38.51 5.41 -0.43
N THR B 170 38.74 4.33 -1.16
CA THR B 170 37.65 3.50 -1.68
C THR B 170 38.01 2.01 -1.59
N PRO B 171 38.28 1.51 -0.39
CA PRO B 171 38.77 0.11 -0.28
C PRO B 171 37.78 -0.94 -0.75
N LEU B 172 36.47 -0.75 -0.53
CA LEU B 172 35.54 -1.78 -0.99
C LEU B 172 35.32 -1.72 -2.50
N LEU B 173 35.27 -0.53 -3.09
CA LEU B 173 35.25 -0.42 -4.53
C LEU B 173 36.50 -1.06 -5.15
N ASP B 174 37.68 -0.71 -4.61
CA ASP B 174 38.91 -1.33 -5.07
C ASP B 174 38.76 -2.84 -5.07
N TYR B 175 38.28 -3.39 -3.95
CA TYR B 175 38.06 -4.83 -3.85
C TYR B 175 37.10 -5.32 -4.93
N ALA B 176 35.97 -4.63 -5.11
CA ALA B 176 35.01 -5.06 -6.11
C ALA B 176 35.59 -4.97 -7.52
N LEU B 177 36.46 -3.99 -7.77
CA LEU B 177 37.07 -3.91 -9.08
C LEU B 177 38.01 -5.09 -9.33
N GLU B 178 38.66 -5.60 -8.28
CA GLU B 178 39.49 -6.80 -8.41
C GLU B 178 38.65 -8.04 -8.68
N VAL B 179 37.49 -8.16 -8.02
CA VAL B 179 36.56 -9.24 -8.34
C VAL B 179 36.14 -9.16 -9.80
N GLU B 180 35.85 -7.94 -10.27
CA GLU B 180 35.42 -7.79 -11.65
C GLU B 180 36.52 -8.17 -12.63
N LYS B 181 37.76 -7.88 -12.33
CA LYS B 181 38.83 -8.30 -13.23
C LYS B 181 38.87 -9.84 -13.30
N ILE B 182 38.60 -10.48 -12.16
CA ILE B 182 38.57 -11.95 -12.20
C ILE B 182 37.35 -12.47 -12.97
N THR B 183 36.18 -11.87 -12.73
CA THR B 183 34.97 -12.40 -13.36
C THR B 183 34.90 -12.06 -14.85
N THR B 184 35.43 -10.90 -15.27
CA THR B 184 35.43 -10.59 -16.70
C THR B 184 36.48 -11.40 -17.46
N SER B 185 37.47 -11.96 -16.77
CA SER B 185 38.36 -12.94 -17.41
C SER B 185 37.61 -14.22 -17.76
N LYS B 186 36.60 -14.57 -16.95
CA LYS B 186 35.82 -15.79 -17.17
C LYS B 186 34.75 -15.59 -18.23
N LYS B 187 34.19 -14.40 -18.31
CA LYS B 187 33.03 -14.05 -19.12
C LYS B 187 33.09 -12.53 -19.28
N PRO B 188 33.28 -12.00 -20.48
CA PRO B 188 33.41 -10.53 -20.62
C PRO B 188 32.16 -9.77 -20.19
N ASN B 189 31.05 -10.51 -19.97
CA ASN B 189 29.74 -10.00 -19.57
C ASN B 189 29.63 -9.69 -18.09
N LEU B 190 30.60 -10.13 -17.29
CA LEU B 190 30.45 -10.17 -15.84
C LEU B 190 31.10 -8.93 -15.23
N ILE B 191 30.49 -7.81 -15.56
CA ILE B 191 30.96 -6.53 -15.11
C ILE B 191 30.36 -6.24 -13.75
N LEU B 192 30.98 -5.31 -13.03
CA LEU B 192 30.33 -4.69 -11.88
C LEU B 192 29.21 -3.81 -12.42
N ASN B 193 27.97 -4.18 -12.14
CA ASN B 193 26.84 -3.44 -12.67
C ASN B 193 26.51 -2.26 -11.77
N VAL B 194 25.49 -1.50 -12.16
CA VAL B 194 25.22 -0.22 -11.51
C VAL B 194 24.80 -0.44 -10.07
N ASP B 195 24.11 -1.56 -9.78
CA ASP B 195 23.74 -1.85 -8.40
C ASP B 195 24.97 -2.20 -7.57
N GLY B 196 25.89 -3.00 -8.13
CA GLY B 196 27.12 -3.29 -7.42
C GLY B 196 27.96 -2.06 -7.18
N LEU B 197 28.08 -1.20 -8.19
CA LEU B 197 28.82 0.04 -8.04
C LEU B 197 28.23 0.91 -6.93
N ILE B 198 26.93 1.22 -7.03
CA ILE B 198 26.31 2.08 -6.04
C ILE B 198 26.44 1.47 -4.67
N GLY B 199 26.16 0.15 -4.57
CA GLY B 199 26.30 -0.57 -3.32
C GLY B 199 27.64 -0.42 -2.65
N VAL B 200 28.72 -0.75 -3.35
CA VAL B 200 30.02 -0.72 -2.70
C VAL B 200 30.48 0.72 -2.50
N ALA B 201 30.16 1.62 -3.43
CA ALA B 201 30.58 3.01 -3.26
C ALA B 201 29.88 3.65 -2.06
N PHE B 202 28.60 3.33 -1.87
CA PHE B 202 27.88 3.84 -0.71
C PHE B 202 28.51 3.35 0.60
N VAL B 203 28.84 2.06 0.67
CA VAL B 203 29.57 1.55 1.83
C VAL B 203 30.87 2.33 2.02
N ASP B 204 31.61 2.52 0.93
CA ASP B 204 32.86 3.28 1.06
C ASP B 204 32.60 4.68 1.63
N MET B 205 31.53 5.33 1.18
N MET B 205 31.54 5.34 1.17
CA MET B 205 31.28 6.68 1.67
CA MET B 205 31.24 6.68 1.66
C MET B 205 30.97 6.67 3.16
C MET B 205 30.99 6.65 3.16
N LEU B 206 30.15 5.73 3.61
CA LEU B 206 29.83 5.64 5.03
C LEU B 206 31.07 5.32 5.86
N ARG B 207 31.88 4.37 5.39
CA ARG B 207 33.04 3.90 6.17
C ARG B 207 34.19 4.88 6.17
N ASN B 208 34.25 5.77 5.19
CA ASN B 208 35.44 6.57 4.97
C ASN B 208 35.20 8.08 4.91
N CYS B 209 33.97 8.55 4.96
CA CYS B 209 33.76 9.99 4.82
C CYS B 209 34.11 10.76 6.10
N GLY B 210 34.26 10.06 7.23
CA GLY B 210 34.61 10.68 8.48
C GLY B 210 33.48 10.85 9.47
N SER B 211 32.23 10.62 9.06
CA SER B 211 31.10 10.91 9.94
C SER B 211 30.59 9.70 10.72
N PHE B 212 31.05 8.49 10.42
CA PHE B 212 30.52 7.29 11.03
C PHE B 212 31.65 6.42 11.55
N THR B 213 31.41 5.78 12.69
CA THR B 213 32.18 4.63 13.10
C THR B 213 31.82 3.42 12.25
N ARG B 214 32.65 2.39 12.30
CA ARG B 214 32.31 1.17 11.57
C ARG B 214 30.98 0.64 12.04
N GLU B 215 30.75 0.64 13.35
CA GLU B 215 29.47 0.18 13.91
C GLU B 215 28.28 0.92 13.28
N GLU B 216 28.39 2.24 13.17
CA GLU B 216 27.30 3.04 12.62
C GLU B 216 27.12 2.77 11.13
N ALA B 217 28.23 2.70 10.39
CA ALA B 217 28.16 2.39 8.97
C ALA B 217 27.46 1.05 8.74
N ASP B 218 27.89 0.02 9.47
CA ASP B 218 27.29 -1.29 9.30
C ASP B 218 25.84 -1.27 9.70
N GLU B 219 25.48 -0.48 10.72
CA GLU B 219 24.09 -0.45 11.14
C GLU B 219 23.21 0.16 10.06
N TYR B 220 23.65 1.27 9.44
CA TYR B 220 22.83 1.89 8.40
C TYR B 220 22.64 0.96 7.21
N ILE B 221 23.68 0.20 6.86
CA ILE B 221 23.52 -0.79 5.79
C ILE B 221 22.50 -1.84 6.21
N ASP B 222 22.66 -2.36 7.43
CA ASP B 222 21.83 -3.48 7.87
C ASP B 222 20.37 -3.10 7.95
N ILE B 223 20.05 -1.86 8.37
CA ILE B 223 18.65 -1.50 8.56
C ILE B 223 17.98 -0.99 7.27
N GLY B 224 18.72 -0.91 6.16
CA GLY B 224 18.14 -0.70 4.84
C GLY B 224 18.40 0.68 4.17
N ALA B 225 19.45 1.39 4.55
CA ALA B 225 19.72 2.68 3.91
C ALA B 225 19.81 2.58 2.39
N LEU B 226 20.37 1.49 1.85
CA LEU B 226 20.46 1.38 0.40
C LEU B 226 19.15 1.02 -0.26
N ASN B 227 18.31 0.23 0.42
CA ASN B 227 16.93 0.10 -0.05
C ASN B 227 16.28 1.46 -0.15
N GLY B 228 16.58 2.35 0.82
CA GLY B 228 16.00 3.67 0.80
C GLY B 228 16.45 4.49 -0.38
N ILE B 229 17.73 4.35 -0.76
CA ILE B 229 18.24 5.09 -1.91
C ILE B 229 17.51 4.67 -3.18
N PHE B 230 17.36 3.35 -3.39
CA PHE B 230 16.67 2.89 -4.58
C PHE B 230 15.19 3.34 -4.59
N VAL B 231 14.49 3.16 -3.48
CA VAL B 231 13.10 3.56 -3.37
C VAL B 231 12.92 5.05 -3.65
N LEU B 232 13.71 5.89 -2.98
CA LEU B 232 13.54 7.33 -3.19
C LEU B 232 13.89 7.72 -4.61
N GLY B 233 14.98 7.17 -5.14
CA GLY B 233 15.34 7.47 -6.51
C GLY B 233 14.29 7.00 -7.51
N ARG B 234 13.90 5.71 -7.43
CA ARG B 234 12.99 5.20 -8.45
C ARG B 234 11.59 5.76 -8.30
N SER B 235 11.25 6.32 -7.14
CA SER B 235 9.95 6.96 -6.99
C SER B 235 9.77 8.08 -7.99
N MET B 236 10.86 8.77 -8.34
N MET B 236 10.86 8.78 -8.34
CA MET B 236 10.70 9.81 -9.36
CA MET B 236 10.78 9.80 -9.37
C MET B 236 10.22 9.22 -10.68
C MET B 236 10.23 9.21 -10.67
N GLY B 237 10.80 8.09 -11.10
CA GLY B 237 10.36 7.48 -12.35
C GLY B 237 8.95 6.92 -12.29
N PHE B 238 8.60 6.30 -11.18
CA PHE B 238 7.23 5.76 -11.08
C PHE B 238 6.19 6.87 -11.13
N ILE B 239 6.44 8.00 -10.48
CA ILE B 239 5.53 9.12 -10.61
C ILE B 239 5.47 9.58 -12.06
N GLY B 240 6.63 9.65 -12.73
CA GLY B 240 6.66 9.96 -14.14
C GLY B 240 5.78 9.02 -14.97
N HIS B 241 5.83 7.73 -14.67
CA HIS B 241 5.02 6.81 -15.47
C HIS B 241 3.55 7.01 -15.21
N TYR B 242 3.17 7.27 -13.95
CA TYR B 242 1.81 7.61 -13.63
C TYR B 242 1.32 8.77 -14.48
N LEU B 243 2.06 9.86 -14.48
CA LEU B 243 1.63 11.04 -15.22
C LEU B 243 1.57 10.77 -16.73
N ASP B 244 2.54 10.00 -17.23
CA ASP B 244 2.62 9.63 -18.63
C ASP B 244 1.36 8.88 -19.07
N GLN B 245 0.91 7.92 -18.27
CA GLN B 245 -0.26 7.16 -18.65
C GLN B 245 -1.50 8.04 -18.69
N LYS B 246 -1.59 8.99 -17.75
CA LYS B 246 -2.70 9.92 -17.73
C LYS B 246 -2.66 10.83 -18.96
N ARG B 247 -1.48 11.34 -19.26
CA ARG B 247 -1.29 12.21 -20.43
C ARG B 247 -1.64 11.48 -21.72
N LEU B 248 -1.31 10.21 -21.80
CA LEU B 248 -1.60 9.40 -22.98
C LEU B 248 -3.03 8.84 -22.98
N LYS B 249 -3.81 9.14 -21.95
CA LYS B 249 -5.25 8.81 -21.94
C LYS B 249 -5.48 7.31 -22.06
N GLN B 250 -4.69 6.53 -21.35
CA GLN B 250 -4.70 5.09 -21.47
C GLN B 250 -5.78 4.50 -20.58
N GLY B 251 -6.58 3.60 -21.16
CA GLY B 251 -7.71 3.03 -20.48
C GLY B 251 -7.39 1.74 -19.77
N LEU B 252 -8.44 1.17 -19.14
CA LEU B 252 -8.24 0.02 -18.27
C LEU B 252 -7.59 -1.14 -19.04
N TYR B 253 -6.62 -1.78 -18.40
CA TYR B 253 -5.93 -2.92 -18.97
C TYR B 253 -6.47 -4.23 -18.41
N ARG B 254 -6.55 -5.23 -19.27
CA ARG B 254 -6.82 -6.61 -18.84
C ARG B 254 -5.87 -7.49 -19.62
N HIS B 255 -5.15 -8.36 -18.93
CA HIS B 255 -4.12 -9.15 -19.60
C HIS B 255 -4.75 -10.19 -20.54
N PRO B 256 -4.16 -10.40 -21.72
CA PRO B 256 -4.80 -11.31 -22.68
C PRO B 256 -4.74 -12.78 -22.22
N TRP B 257 -5.84 -13.50 -22.46
CA TRP B 257 -5.89 -14.92 -22.15
C TRP B 257 -4.83 -15.74 -22.88
N ASP B 258 -4.43 -15.33 -24.08
CA ASP B 258 -3.40 -16.07 -24.81
C ASP B 258 -2.07 -16.13 -24.08
N ASP B 259 -1.78 -15.20 -23.19
CA ASP B 259 -0.50 -15.17 -22.51
C ASP B 259 -0.58 -15.82 -21.13
N ILE B 260 -1.65 -16.57 -20.86
CA ILE B 260 -1.90 -17.16 -19.55
C ILE B 260 -2.15 -18.65 -19.70
N SER B 261 -1.43 -19.46 -18.97
CA SER B 261 -1.64 -20.90 -18.91
C SER B 261 -2.47 -21.22 -17.65
N TYR B 262 -3.69 -21.71 -17.86
CA TYR B 262 -4.56 -22.13 -16.77
C TYR B 262 -4.38 -23.64 -16.56
N VAL B 263 -3.95 -24.02 -15.36
CA VAL B 263 -3.73 -25.42 -15.01
CA VAL B 263 -3.74 -25.42 -15.00
C VAL B 263 -4.46 -25.73 -13.69
N LEU B 264 -5.77 -25.77 -13.74
CA LEU B 264 -6.57 -26.05 -12.57
C LEU B 264 -6.64 -27.56 -12.36
N PRO B 265 -6.99 -27.99 -11.15
CA PRO B 265 -7.35 -29.40 -10.94
C PRO B 265 -8.58 -29.78 -11.75
N GLU B 266 -8.71 -31.09 -12.00
CA GLU B 266 -9.81 -31.58 -12.85
C GLU B 266 -11.19 -31.16 -12.31
N HIS C 3 -6.47 17.09 35.04
CA HIS C 3 -7.91 17.28 34.81
C HIS C 3 -8.39 16.20 33.86
N MET C 4 -9.72 16.05 33.74
CA MET C 4 -10.30 15.16 32.74
C MET C 4 -9.90 15.63 31.35
N LYS C 5 -8.87 15.02 30.77
CA LYS C 5 -8.50 15.29 29.38
C LYS C 5 -9.46 14.54 28.46
N PRO C 6 -10.16 15.24 27.56
CA PRO C 6 -11.10 14.54 26.67
C PRO C 6 -10.36 13.61 25.72
N ALA C 7 -11.05 12.57 25.27
CA ALA C 7 -10.41 11.60 24.39
C ALA C 7 -10.24 12.19 23.00
N SER C 8 -9.12 11.86 22.37
CA SER C 8 -8.85 12.36 21.02
C SER C 8 -9.45 11.49 19.92
N PHE C 9 -9.77 10.22 20.22
CA PHE C 9 -10.39 9.32 19.26
C PHE C 9 -11.76 8.89 19.74
N MET C 10 -12.66 8.68 18.77
CA MET C 10 -13.97 8.07 19.03
C MET C 10 -14.05 6.75 18.25
N THR C 11 -14.76 5.77 18.81
CA THR C 11 -14.88 4.46 18.16
C THR C 11 -16.22 3.89 18.58
N SER C 12 -16.82 3.09 17.70
CA SER C 12 -18.19 2.61 17.92
C SER C 12 -18.42 1.15 17.63
N ILE C 13 -17.47 0.40 17.09
CA ILE C 13 -17.81 -0.90 16.49
C ILE C 13 -17.36 -2.11 17.30
N CYS C 14 -16.32 -1.99 18.12
CA CYS C 14 -15.72 -3.14 18.78
C CYS C 14 -15.09 -2.68 20.10
N ASP C 15 -15.39 -3.40 21.18
CA ASP C 15 -14.83 -3.10 22.50
C ASP C 15 -14.10 -4.34 22.99
N GLU C 16 -12.77 -4.24 23.09
CA GLU C 16 -11.92 -5.34 23.53
C GLU C 16 -11.43 -5.15 24.97
N ARG C 17 -11.94 -4.16 25.69
CA ARG C 17 -11.37 -3.83 26.99
C ARG C 17 -11.82 -4.78 28.09
N GLY C 18 -12.98 -5.38 27.93
CA GLY C 18 -13.58 -6.17 28.99
C GLY C 18 -13.17 -7.63 29.02
N GLN C 19 -13.85 -8.38 29.91
CA GLN C 19 -13.65 -9.82 30.02
C GLN C 19 -13.77 -10.51 28.68
N GLU C 20 -14.74 -10.10 27.86
CA GLU C 20 -15.10 -10.76 26.61
C GLU C 20 -15.16 -9.74 25.49
N LEU C 21 -14.62 -10.11 24.33
CA LEU C 21 -14.72 -9.24 23.16
C LEU C 21 -16.17 -8.96 22.79
N ILE C 22 -16.45 -7.72 22.38
CA ILE C 22 -17.79 -7.30 21.97
C ILE C 22 -17.74 -6.72 20.56
N TYR C 23 -18.57 -7.24 19.66
CA TYR C 23 -18.79 -6.65 18.33
C TYR C 23 -20.11 -5.89 18.31
N ALA C 24 -20.04 -4.56 18.23
CA ALA C 24 -21.25 -3.71 18.13
C ALA C 24 -22.31 -4.07 19.17
N GLY C 25 -21.87 -4.26 20.40
CA GLY C 25 -22.79 -4.58 21.47
C GLY C 25 -23.21 -6.03 21.59
N MET C 26 -22.70 -6.92 20.74
CA MET C 26 -22.95 -8.33 20.92
C MET C 26 -21.69 -9.03 21.38
N PRO C 27 -21.68 -9.65 22.56
CA PRO C 27 -20.49 -10.38 23.01
C PRO C 27 -20.15 -11.51 22.04
N ILE C 28 -18.87 -11.79 21.93
CA ILE C 28 -18.42 -12.81 20.95
C ILE C 28 -19.04 -14.18 21.24
N THR C 29 -19.30 -14.50 22.50
CA THR C 29 -19.99 -15.78 22.77
C THR C 29 -21.37 -15.81 22.11
N GLU C 30 -22.13 -14.69 22.19
CA GLU C 30 -23.48 -14.67 21.60
C GLU C 30 -23.38 -14.64 20.08
N VAL C 31 -22.35 -13.99 19.53
CA VAL C 31 -22.17 -14.02 18.09
C VAL C 31 -22.14 -15.46 17.59
N PHE C 32 -21.48 -16.35 18.31
CA PHE C 32 -21.39 -17.73 17.83
C PHE C 32 -22.58 -18.58 18.25
N LYS C 33 -23.15 -18.33 19.43
CA LYS C 33 -24.35 -19.07 19.82
C LYS C 33 -25.49 -18.80 18.85
N GLU C 34 -25.63 -17.55 18.41
CA GLU C 34 -26.67 -17.17 17.47
C GLU C 34 -26.30 -17.49 16.03
N GLU C 35 -25.15 -18.12 15.79
CA GLU C 35 -24.75 -18.56 14.45
C GLU C 35 -24.78 -17.39 13.46
N MET C 36 -24.16 -16.28 13.85
N MET C 36 -24.17 -16.27 13.87
CA MET C 36 -24.21 -15.09 13.00
CA MET C 36 -24.18 -15.07 13.05
C MET C 36 -23.34 -15.25 11.76
C MET C 36 -23.37 -15.26 11.77
N GLY C 37 -22.28 -16.04 11.85
CA GLY C 37 -21.40 -16.27 10.71
C GLY C 37 -20.62 -15.02 10.31
N ILE C 38 -19.88 -15.15 9.20
CA ILE C 38 -19.07 -14.01 8.72
C ILE C 38 -19.98 -12.86 8.29
N GLY C 39 -21.12 -13.17 7.66
CA GLY C 39 -22.04 -12.14 7.25
C GLY C 39 -22.62 -11.35 8.42
N GLY C 40 -22.97 -12.04 9.50
CA GLY C 40 -23.44 -11.35 10.69
C GLY C 40 -22.39 -10.49 11.36
N VAL C 41 -21.13 -10.96 11.37
CA VAL C 41 -20.07 -10.16 11.95
C VAL C 41 -19.85 -8.91 11.12
N LEU C 42 -19.94 -9.04 9.79
CA LEU C 42 -19.84 -7.83 8.98
C LEU C 42 -21.02 -6.89 9.24
N GLY C 43 -22.23 -7.42 9.37
CA GLY C 43 -23.34 -6.56 9.72
C GLY C 43 -23.10 -5.79 11.00
N LEU C 44 -22.49 -6.46 11.99
CA LEU C 44 -22.23 -5.81 13.27
C LEU C 44 -21.13 -4.77 13.13
N LEU C 45 -20.00 -5.15 12.51
CA LEU C 45 -18.84 -4.26 12.48
C LEU C 45 -18.98 -3.13 11.46
N TRP C 46 -19.68 -3.34 10.36
CA TRP C 46 -19.79 -2.28 9.35
C TRP C 46 -21.05 -1.47 9.49
N PHE C 47 -22.17 -2.10 9.86
CA PHE C 47 -23.47 -1.46 9.89
C PHE C 47 -24.06 -1.30 11.29
N GLN C 48 -23.39 -1.86 12.31
CA GLN C 48 -23.74 -1.74 13.72
C GLN C 48 -25.07 -2.37 14.02
N LYS C 49 -25.50 -3.34 13.23
CA LYS C 49 -26.78 -3.98 13.42
C LYS C 49 -26.64 -5.49 13.44
N ARG C 50 -27.53 -6.12 14.18
CA ARG C 50 -27.75 -7.55 14.04
C ARG C 50 -28.72 -7.74 12.89
N LEU C 51 -28.25 -8.34 11.76
CA LEU C 51 -29.11 -8.46 10.59
C LEU C 51 -29.82 -9.82 10.58
N PRO C 52 -30.97 -9.90 9.93
CA PRO C 52 -31.63 -11.21 9.76
C PRO C 52 -30.75 -12.21 9.04
N LYS C 53 -31.00 -13.50 9.27
CA LYS C 53 -30.15 -14.53 8.69
C LYS C 53 -30.08 -14.45 7.16
N TYR C 54 -31.21 -14.17 6.49
CA TYR C 54 -31.16 -14.15 5.02
C TYR C 54 -30.26 -13.01 4.53
N SER C 55 -30.16 -11.93 5.31
N SER C 55 -30.15 -11.93 5.32
CA SER C 55 -29.28 -10.82 4.97
CA SER C 55 -29.28 -10.81 4.98
C SER C 55 -27.82 -11.21 5.20
C SER C 55 -27.81 -11.18 5.21
N CYS C 56 -27.54 -11.81 6.36
CA CYS C 56 -26.21 -12.34 6.61
C CYS C 56 -25.78 -13.33 5.53
N GLN C 57 -26.69 -14.21 5.08
CA GLN C 57 -26.30 -15.17 4.06
C GLN C 57 -26.08 -14.48 2.72
N PHE C 58 -26.82 -13.41 2.46
CA PHE C 58 -26.59 -12.68 1.22
C PHE C 58 -25.22 -12.00 1.23
N ILE C 59 -24.83 -11.42 2.38
CA ILE C 59 -23.49 -10.85 2.49
C ILE C 59 -22.43 -11.92 2.23
N GLU C 60 -22.60 -13.10 2.81
CA GLU C 60 -21.63 -14.16 2.57
C GLU C 60 -21.60 -14.57 1.11
N MET C 61 -22.77 -14.62 0.46
CA MET C 61 -22.82 -14.94 -0.95
C MET C 61 -22.06 -13.91 -1.77
N CYS C 62 -22.20 -12.65 -1.41
CA CYS C 62 -21.47 -11.61 -2.11
C CYS C 62 -19.97 -11.79 -1.96
N LEU C 63 -19.48 -12.12 -0.76
CA LEU C 63 -18.05 -12.38 -0.61
C LEU C 63 -17.63 -13.60 -1.39
N MET C 64 -18.50 -14.62 -1.52
CA MET C 64 -18.10 -15.82 -2.23
C MET C 64 -18.06 -15.60 -3.74
N VAL C 65 -19.02 -14.83 -4.28
CA VAL C 65 -19.10 -14.67 -5.72
C VAL C 65 -18.07 -13.66 -6.20
N THR C 66 -17.60 -12.78 -5.32
CA THR C 66 -16.54 -11.84 -5.71
C THR C 66 -15.12 -12.34 -5.39
N ALA C 67 -14.99 -13.56 -4.85
CA ALA C 67 -13.70 -14.02 -4.32
C ALA C 67 -12.61 -14.00 -5.37
N ASP C 68 -12.88 -14.45 -6.61
CA ASP C 68 -11.86 -14.31 -7.64
C ASP C 68 -12.46 -14.31 -9.04
N HIS C 69 -11.76 -13.69 -9.98
CA HIS C 69 -12.19 -13.77 -11.38
C HIS C 69 -10.99 -13.89 -12.30
N GLY C 70 -9.99 -14.65 -11.87
CA GLY C 70 -8.83 -15.01 -12.70
C GLY C 70 -7.65 -14.08 -12.54
N PRO C 71 -6.55 -14.43 -13.22
CA PRO C 71 -5.28 -13.72 -13.07
C PRO C 71 -5.07 -12.55 -14.02
N ALA C 72 -6.00 -12.32 -14.93
CA ALA C 72 -5.88 -11.34 -15.99
C ALA C 72 -6.32 -9.94 -15.57
N VAL C 73 -7.20 -9.84 -14.57
CA VAL C 73 -7.70 -8.54 -14.15
C VAL C 73 -6.60 -7.74 -13.43
N SER C 74 -6.72 -6.43 -13.51
CA SER C 74 -5.66 -5.52 -13.06
C SER C 74 -5.10 -5.89 -11.70
N GLY C 75 -5.96 -6.12 -10.70
CA GLY C 75 -5.42 -6.36 -9.37
C GLY C 75 -4.73 -7.70 -9.21
N ALA C 76 -5.30 -8.76 -9.80
CA ALA C 76 -4.68 -10.05 -9.67
C ALA C 76 -3.33 -10.07 -10.39
N HIS C 77 -3.30 -9.44 -11.56
CA HIS C 77 -2.08 -9.22 -12.33
C HIS C 77 -1.01 -8.56 -11.49
N ASN C 78 -1.34 -7.43 -10.85
CA ASN C 78 -0.35 -6.76 -10.01
C ASN C 78 0.08 -7.63 -8.82
N THR C 79 -0.87 -8.30 -8.14
CA THR C 79 -0.51 -9.19 -7.04
C THR C 79 0.45 -10.30 -7.50
N ILE C 80 0.17 -10.90 -8.67
CA ILE C 80 0.98 -11.98 -9.20
C ILE C 80 2.40 -11.46 -9.46
N ILE C 81 2.49 -10.29 -10.06
CA ILE C 81 3.81 -9.71 -10.38
C ILE C 81 4.59 -9.39 -9.11
N CYS C 82 3.90 -8.84 -8.09
CA CYS C 82 4.58 -8.58 -6.82
C CYS C 82 5.03 -9.88 -6.14
N ALA C 83 4.23 -10.92 -6.21
CA ALA C 83 4.64 -12.21 -5.65
C ALA C 83 5.83 -12.78 -6.42
N ARG C 84 5.81 -12.66 -7.74
CA ARG C 84 6.93 -13.13 -8.56
C ARG C 84 8.19 -12.28 -8.37
N ALA C 85 8.05 -11.10 -7.81
CA ALA C 85 9.22 -10.31 -7.43
C ALA C 85 9.77 -10.70 -6.05
N GLY C 86 9.23 -11.75 -5.44
CA GLY C 86 9.74 -12.22 -4.17
C GLY C 86 9.18 -11.54 -2.95
N LYS C 87 8.11 -10.77 -3.07
CA LYS C 87 7.65 -9.99 -1.94
C LYS C 87 6.74 -10.83 -1.03
N ASP C 88 6.46 -10.27 0.13
CA ASP C 88 5.65 -10.90 1.15
C ASP C 88 4.16 -10.85 0.82
N LEU C 89 3.35 -11.57 1.60
CA LEU C 89 1.93 -11.70 1.28
C LEU C 89 1.21 -10.34 1.37
N VAL C 90 1.50 -9.54 2.39
CA VAL C 90 0.75 -8.30 2.58
C VAL C 90 1.10 -7.32 1.48
N SER C 91 2.37 -7.22 1.13
CA SER C 91 2.79 -6.32 0.06
C SER C 91 2.12 -6.70 -1.25
N SER C 92 2.09 -8.01 -1.55
CA SER C 92 1.59 -8.47 -2.82
C SER C 92 0.09 -8.28 -2.90
N LEU C 93 -0.61 -8.63 -1.83
CA LEU C 93 -2.04 -8.37 -1.77
C LEU C 93 -2.34 -6.90 -1.99
N THR C 94 -1.65 -6.03 -1.22
N THR C 94 -1.64 -6.01 -1.27
CA THR C 94 -1.90 -4.59 -1.28
CA THR C 94 -2.04 -4.62 -1.35
C THR C 94 -1.62 -4.04 -2.66
C THR C 94 -1.61 -3.98 -2.66
N SER C 95 -0.54 -4.49 -3.30
CA SER C 95 -0.20 -4.00 -4.62
C SER C 95 -1.36 -4.19 -5.59
N GLY C 96 -2.11 -5.30 -5.44
CA GLY C 96 -3.30 -5.52 -6.24
C GLY C 96 -4.53 -4.79 -5.76
N LEU C 97 -4.74 -4.71 -4.43
CA LEU C 97 -5.91 -4.00 -3.94
C LEU C 97 -5.90 -2.55 -4.40
N LEU C 98 -4.71 -1.95 -4.52
CA LEU C 98 -4.62 -0.56 -4.89
C LEU C 98 -5.06 -0.27 -6.33
N THR C 99 -5.35 -1.29 -7.13
CA THR C 99 -5.95 -1.08 -8.43
C THR C 99 -7.46 -0.91 -8.37
N ILE C 100 -8.08 -1.19 -7.24
CA ILE C 100 -9.54 -1.22 -7.17
C ILE C 100 -10.09 0.19 -7.08
N GLY C 101 -10.99 0.49 -8.00
CA GLY C 101 -11.57 1.81 -8.16
C GLY C 101 -12.68 1.82 -9.18
N ASP C 102 -12.85 3.02 -9.78
CA ASP C 102 -13.93 3.34 -10.70
C ASP C 102 -13.99 2.40 -11.90
N ARG C 103 -12.84 1.92 -12.36
CA ARG C 103 -12.80 1.10 -13.56
C ARG C 103 -12.85 -0.38 -13.27
N PHE C 104 -12.13 -0.81 -12.25
CA PHE C 104 -12.02 -2.23 -11.88
C PHE C 104 -12.45 -2.42 -10.43
N GLY C 105 -13.55 -3.15 -10.22
CA GLY C 105 -13.87 -3.59 -8.87
C GLY C 105 -14.56 -2.65 -7.91
N GLY C 106 -14.36 -1.35 -8.07
CA GLY C 106 -14.84 -0.38 -7.10
C GLY C 106 -15.87 0.61 -7.60
N ALA C 107 -16.79 0.11 -8.42
CA ALA C 107 -17.88 0.91 -8.96
C ALA C 107 -19.16 0.70 -8.18
N LEU C 108 -19.12 -0.05 -7.07
CA LEU C 108 -20.34 -0.33 -6.33
C LEU C 108 -20.91 0.93 -5.69
N ASP C 109 -20.04 1.76 -5.08
CA ASP C 109 -20.50 3.00 -4.45
C ASP C 109 -21.24 3.86 -5.48
N ALA C 110 -20.60 4.06 -6.61
CA ALA C 110 -21.12 4.97 -7.62
C ALA C 110 -22.38 4.42 -8.26
N ALA C 111 -22.42 3.10 -8.49
CA ALA C 111 -23.60 2.47 -9.08
C ALA C 111 -24.80 2.62 -8.16
N ALA C 112 -24.61 2.30 -6.90
CA ALA C 112 -25.68 2.44 -5.93
C ALA C 112 -26.17 3.89 -5.87
N LYS C 113 -25.26 4.84 -5.87
CA LYS C 113 -25.65 6.25 -5.76
C LYS C 113 -26.40 6.69 -7.00
N MET C 114 -25.89 6.33 -8.19
CA MET C 114 -26.47 6.79 -9.44
C MET C 114 -27.82 6.17 -9.70
N PHE C 115 -27.95 4.85 -9.50
CA PHE C 115 -29.24 4.19 -9.70
C PHE C 115 -30.25 4.63 -8.64
N SER C 116 -29.81 4.79 -7.38
CA SER C 116 -30.72 5.27 -6.35
C SER C 116 -31.23 6.66 -6.70
N LYS C 117 -30.35 7.54 -7.18
CA LYS C 117 -30.76 8.89 -7.52
C LYS C 117 -31.78 8.90 -8.66
N ALA C 118 -31.56 8.08 -9.69
CA ALA C 118 -32.49 7.98 -10.81
C ALA C 118 -33.83 7.44 -10.35
N PHE C 119 -33.80 6.36 -9.61
CA PHE C 119 -35.04 5.79 -9.11
C PHE C 119 -35.81 6.81 -8.27
N ASP C 120 -35.15 7.40 -7.26
CA ASP C 120 -35.83 8.31 -6.35
C ASP C 120 -36.39 9.54 -7.08
N SER C 121 -35.79 9.90 -8.21
CA SER C 121 -36.21 11.12 -8.89
C SER C 121 -37.45 10.90 -9.72
N GLY C 122 -37.84 9.65 -9.97
CA GLY C 122 -38.98 9.39 -10.82
C GLY C 122 -38.65 9.27 -12.29
N ILE C 123 -37.39 9.43 -12.69
CA ILE C 123 -37.00 9.28 -14.10
C ILE C 123 -37.17 7.82 -14.50
N ILE C 124 -37.76 7.59 -15.67
CA ILE C 124 -37.92 6.22 -16.16
C ILE C 124 -36.60 5.72 -16.75
N PRO C 125 -36.39 4.38 -16.80
CA PRO C 125 -35.08 3.86 -17.27
C PRO C 125 -34.59 4.46 -18.59
N MET C 126 -35.46 4.53 -19.60
N MET C 126 -35.45 4.54 -19.60
CA MET C 126 -35.06 5.05 -20.90
CA MET C 126 -35.01 5.04 -20.90
C MET C 126 -34.52 6.47 -20.78
C MET C 126 -34.51 6.48 -20.80
N GLU C 127 -35.20 7.31 -19.99
CA GLU C 127 -34.78 8.71 -19.87
C GLU C 127 -33.48 8.81 -19.09
N PHE C 128 -33.30 7.93 -18.10
CA PHE C 128 -32.01 7.84 -17.44
C PHE C 128 -30.91 7.48 -18.43
N VAL C 129 -31.13 6.45 -19.25
CA VAL C 129 -30.08 6.06 -20.20
C VAL C 129 -29.81 7.20 -21.18
N ASN C 130 -30.87 7.74 -21.79
CA ASN C 130 -30.67 8.80 -22.78
C ASN C 130 -29.94 9.98 -22.19
N LYS C 131 -30.25 10.35 -20.95
CA LYS C 131 -29.62 11.51 -20.36
C LYS C 131 -28.14 11.28 -20.08
N MET C 132 -27.77 10.10 -19.55
CA MET C 132 -26.35 9.82 -19.39
C MET C 132 -25.68 9.75 -20.76
N LYS C 133 -26.38 9.18 -21.73
CA LYS C 133 -25.87 9.09 -23.10
C LYS C 133 -25.69 10.47 -23.73
N LYS C 134 -26.70 11.35 -23.57
CA LYS C 134 -26.65 12.71 -24.09
C LYS C 134 -25.55 13.53 -23.43
N GLU C 135 -25.24 13.24 -22.17
CA GLU C 135 -24.05 13.84 -21.56
C GLU C 135 -22.90 12.86 -21.77
N GLY C 136 -21.78 13.12 -21.10
CA GLY C 136 -20.66 12.21 -21.22
C GLY C 136 -20.41 11.42 -19.95
N LYS C 137 -21.40 10.65 -19.50
CA LYS C 137 -21.30 9.98 -18.20
C LYS C 137 -21.55 8.49 -18.35
N LEU C 138 -20.54 7.71 -17.98
CA LEU C 138 -20.69 6.26 -17.90
C LEU C 138 -21.72 5.92 -16.82
N ILE C 139 -22.54 4.91 -17.10
CA ILE C 139 -23.40 4.30 -16.09
C ILE C 139 -22.54 3.37 -15.25
N MET C 140 -22.34 3.71 -13.99
CA MET C 140 -21.55 2.86 -13.11
C MET C 140 -22.35 1.58 -12.79
N GLY C 141 -21.66 0.46 -12.79
CA GLY C 141 -22.29 -0.84 -12.62
C GLY C 141 -22.75 -1.47 -13.90
N ILE C 142 -22.51 -0.84 -15.04
CA ILE C 142 -22.84 -1.36 -16.36
C ILE C 142 -21.54 -1.55 -17.12
N GLY C 143 -21.44 -2.63 -17.90
CA GLY C 143 -20.31 -2.87 -18.77
C GLY C 143 -19.34 -3.92 -18.26
N HIS C 144 -18.69 -4.60 -19.19
CA HIS C 144 -17.67 -5.59 -18.85
C HIS C 144 -16.77 -5.81 -20.05
N ARG C 145 -15.50 -6.09 -19.78
CA ARG C 145 -14.54 -6.32 -20.83
C ARG C 145 -14.75 -7.65 -21.54
N VAL C 146 -15.27 -8.68 -20.84
CA VAL C 146 -15.36 -10.00 -21.46
C VAL C 146 -16.75 -10.63 -21.33
N LYS C 147 -17.47 -10.38 -20.24
CA LYS C 147 -18.85 -10.88 -20.12
C LYS C 147 -19.79 -9.97 -20.93
N SER C 148 -20.94 -10.53 -21.34
CA SER C 148 -21.78 -9.86 -22.33
C SER C 148 -23.11 -10.57 -22.39
N ILE C 149 -23.99 -10.10 -23.30
CA ILE C 149 -25.25 -10.82 -23.50
C ILE C 149 -25.00 -12.23 -24.03
N ASN C 150 -23.93 -12.43 -24.78
CA ASN C 150 -23.66 -13.78 -25.31
C ASN C 150 -22.78 -14.61 -24.38
N ASN C 151 -22.25 -14.01 -23.30
CA ASN C 151 -21.37 -14.68 -22.35
C ASN C 151 -21.81 -14.22 -20.96
N PRO C 152 -22.93 -14.75 -20.48
CA PRO C 152 -23.54 -14.22 -19.25
C PRO C 152 -22.73 -14.50 -17.99
N ASP C 153 -22.89 -13.63 -17.01
CA ASP C 153 -22.18 -13.74 -15.73
C ASP C 153 -23.03 -14.56 -14.75
N MET C 154 -22.59 -15.77 -14.47
CA MET C 154 -23.30 -16.61 -13.52
C MET C 154 -23.28 -16.02 -12.10
N ARG C 155 -22.28 -15.23 -11.76
CA ARG C 155 -22.28 -14.55 -10.46
C ARG C 155 -23.55 -13.70 -10.32
N VAL C 156 -23.90 -12.94 -11.37
CA VAL C 156 -25.09 -12.11 -11.37
C VAL C 156 -26.33 -12.99 -11.26
N GLN C 157 -26.35 -14.09 -12.00
CA GLN C 157 -27.52 -14.96 -11.95
C GLN C 157 -27.76 -15.51 -10.54
N ILE C 158 -26.69 -15.95 -9.87
CA ILE C 158 -26.82 -16.53 -8.53
C ILE C 158 -27.34 -15.49 -7.54
N LEU C 159 -26.81 -14.27 -7.62
CA LEU C 159 -27.26 -13.20 -6.73
C LEU C 159 -28.73 -12.87 -6.98
N LYS C 160 -29.11 -12.73 -8.26
CA LYS C 160 -30.50 -12.39 -8.57
C LYS C 160 -31.45 -13.45 -8.06
N ASP C 161 -31.09 -14.71 -8.26
CA ASP C 161 -31.92 -15.80 -7.78
C ASP C 161 -32.14 -15.71 -6.28
N TYR C 162 -31.08 -15.40 -5.53
CA TYR C 162 -31.20 -15.35 -4.07
C TYR C 162 -32.08 -14.19 -3.63
N VAL C 163 -31.84 -13.02 -4.22
CA VAL C 163 -32.60 -11.82 -3.87
C VAL C 163 -34.08 -12.05 -4.12
N ARG C 164 -34.41 -12.67 -5.25
CA ARG C 164 -35.80 -12.91 -5.61
C ARG C 164 -36.48 -13.87 -4.65
N GLN C 165 -35.76 -14.84 -4.13
CA GLN C 165 -36.37 -15.76 -3.18
C GLN C 165 -36.50 -15.19 -1.77
N HIS C 166 -35.60 -14.31 -1.32
CA HIS C 166 -35.57 -13.96 0.10
C HIS C 166 -35.84 -12.50 0.42
N PHE C 167 -35.56 -11.57 -0.46
CA PHE C 167 -35.69 -10.17 -0.08
C PHE C 167 -37.17 -9.76 -0.01
N PRO C 168 -37.54 -8.89 0.92
CA PRO C 168 -38.94 -8.43 0.95
C PRO C 168 -39.27 -7.45 -0.17
N ALA C 169 -38.29 -6.74 -0.73
CA ALA C 169 -38.57 -5.80 -1.81
C ALA C 169 -37.32 -5.56 -2.64
N THR C 170 -37.49 -5.42 -3.95
CA THR C 170 -36.37 -5.33 -4.88
C THR C 170 -36.57 -4.23 -5.91
N PRO C 171 -37.08 -3.06 -5.51
CA PRO C 171 -37.41 -2.04 -6.54
C PRO C 171 -36.19 -1.52 -7.27
N LEU C 172 -35.04 -1.35 -6.60
CA LEU C 172 -33.89 -0.80 -7.33
C LEU C 172 -33.31 -1.85 -8.27
N LEU C 173 -33.31 -3.12 -7.85
CA LEU C 173 -32.84 -4.16 -8.76
C LEU C 173 -33.70 -4.19 -10.00
N ASP C 174 -35.04 -4.14 -9.82
CA ASP C 174 -35.93 -4.20 -10.96
C ASP C 174 -35.66 -3.04 -11.91
N TYR C 175 -35.38 -1.86 -11.36
CA TYR C 175 -35.10 -0.69 -12.17
C TYR C 175 -33.80 -0.87 -12.93
N ALA C 176 -32.76 -1.35 -12.24
CA ALA C 176 -31.47 -1.55 -12.90
C ALA C 176 -31.56 -2.59 -14.01
N LEU C 177 -32.43 -3.60 -13.83
CA LEU C 177 -32.57 -4.60 -14.87
C LEU C 177 -33.29 -4.01 -16.09
N GLU C 178 -34.17 -3.04 -15.87
CA GLU C 178 -34.78 -2.33 -16.99
C GLU C 178 -33.75 -1.52 -17.75
N VAL C 179 -32.84 -0.87 -17.03
CA VAL C 179 -31.75 -0.15 -17.69
C VAL C 179 -30.90 -1.11 -18.50
N GLU C 180 -30.56 -2.28 -17.93
CA GLU C 180 -29.71 -3.23 -18.65
C GLU C 180 -30.37 -3.70 -19.97
N LYS C 181 -31.68 -3.90 -19.97
CA LYS C 181 -32.34 -4.29 -21.22
C LYS C 181 -32.07 -3.25 -22.29
N ILE C 182 -32.16 -1.98 -21.93
CA ILE C 182 -31.93 -0.88 -22.88
C ILE C 182 -30.47 -0.84 -23.32
N THR C 183 -29.53 -0.85 -22.37
CA THR C 183 -28.12 -0.68 -22.77
C THR C 183 -27.63 -1.87 -23.57
N THR C 184 -28.02 -3.10 -23.20
CA THR C 184 -27.52 -4.24 -23.97
C THR C 184 -28.20 -4.35 -25.35
N SER C 185 -29.30 -3.63 -25.59
CA SER C 185 -29.90 -3.63 -26.93
C SER C 185 -28.95 -3.02 -27.97
N LYS C 186 -28.18 -2.00 -27.57
CA LYS C 186 -27.28 -1.35 -28.52
C LYS C 186 -25.82 -1.79 -28.38
N LYS C 187 -25.40 -2.29 -27.22
CA LYS C 187 -24.00 -2.64 -27.04
C LYS C 187 -23.97 -3.93 -26.22
N PRO C 188 -23.64 -5.08 -26.82
CA PRO C 188 -23.83 -6.35 -26.10
C PRO C 188 -22.99 -6.48 -24.84
N ASN C 189 -21.95 -5.66 -24.68
CA ASN C 189 -21.12 -5.71 -23.50
C ASN C 189 -21.66 -4.90 -22.33
N LEU C 190 -22.72 -4.11 -22.50
CA LEU C 190 -23.20 -3.19 -21.46
C LEU C 190 -24.20 -3.89 -20.53
N ILE C 191 -23.74 -5.00 -19.98
CA ILE C 191 -24.53 -5.77 -19.04
C ILE C 191 -24.50 -5.12 -17.66
N LEU C 192 -25.42 -5.55 -16.80
CA LEU C 192 -25.33 -5.23 -15.38
C LEU C 192 -24.26 -6.13 -14.79
N ASN C 193 -23.13 -5.53 -14.39
CA ASN C 193 -21.98 -6.31 -13.94
C ASN C 193 -22.11 -6.59 -12.44
N VAL C 194 -21.17 -7.35 -11.90
N VAL C 194 -21.18 -7.37 -11.89
CA VAL C 194 -21.26 -7.78 -10.51
CA VAL C 194 -21.29 -7.78 -10.49
C VAL C 194 -21.21 -6.58 -9.58
C VAL C 194 -21.25 -6.56 -9.58
N ASP C 195 -20.48 -5.52 -9.94
CA ASP C 195 -20.48 -4.31 -9.14
C ASP C 195 -21.88 -3.67 -9.09
N GLY C 196 -22.55 -3.57 -10.25
CA GLY C 196 -23.84 -2.93 -10.28
C GLY C 196 -24.89 -3.78 -9.59
N LEU C 197 -24.80 -5.10 -9.78
CA LEU C 197 -25.78 -5.99 -9.16
C LEU C 197 -25.67 -5.92 -7.65
N ILE C 198 -24.47 -6.13 -7.12
CA ILE C 198 -24.28 -6.06 -5.67
C ILE C 198 -24.63 -4.66 -5.18
N GLY C 199 -24.22 -3.64 -5.91
CA GLY C 199 -24.57 -2.28 -5.50
C GLY C 199 -26.06 -2.08 -5.30
N VAL C 200 -26.86 -2.40 -6.34
CA VAL C 200 -28.28 -2.09 -6.24
C VAL C 200 -28.97 -3.07 -5.28
N ALA C 201 -28.51 -4.31 -5.22
CA ALA C 201 -29.07 -5.28 -4.29
C ALA C 201 -28.84 -4.85 -2.84
N PHE C 202 -27.67 -4.30 -2.55
N PHE C 202 -27.67 -4.28 -2.56
CA PHE C 202 -27.40 -3.83 -1.20
CA PHE C 202 -27.40 -3.83 -1.20
C PHE C 202 -28.28 -2.64 -0.83
C PHE C 202 -28.26 -2.64 -0.83
N VAL C 203 -28.53 -1.74 -1.77
CA VAL C 203 -29.47 -0.66 -1.51
C VAL C 203 -30.84 -1.22 -1.17
N ASP C 204 -31.33 -2.16 -1.99
CA ASP C 204 -32.60 -2.81 -1.71
C ASP C 204 -32.59 -3.44 -0.32
N MET C 205 -31.47 -4.09 0.05
N MET C 205 -31.47 -4.07 0.05
CA MET C 205 -31.39 -4.76 1.34
CA MET C 205 -31.40 -4.76 1.34
C MET C 205 -31.42 -3.76 2.49
C MET C 205 -31.41 -3.77 2.49
N LEU C 206 -30.55 -2.74 2.42
CA LEU C 206 -30.47 -1.79 3.51
C LEU C 206 -31.78 -0.99 3.65
N ARG C 207 -32.42 -0.66 2.54
CA ARG C 207 -33.61 0.16 2.60
C ARG C 207 -34.81 -0.61 3.12
N ASN C 208 -34.83 -1.92 2.90
CA ASN C 208 -36.02 -2.70 3.20
C ASN C 208 -35.86 -3.80 4.21
N CYS C 209 -34.69 -4.00 4.78
CA CYS C 209 -34.55 -5.11 5.74
C CYS C 209 -35.16 -4.81 7.09
N GLY C 210 -35.39 -3.53 7.39
CA GLY C 210 -36.06 -3.08 8.60
C GLY C 210 -35.17 -2.57 9.69
N SER C 211 -33.85 -2.64 9.50
CA SER C 211 -32.90 -2.17 10.48
C SER C 211 -32.48 -0.72 10.26
N PHE C 212 -32.83 -0.11 9.12
CA PHE C 212 -32.38 1.23 8.80
C PHE C 212 -33.52 2.11 8.33
N THR C 213 -33.48 3.39 8.71
CA THR C 213 -34.28 4.39 8.00
C THR C 213 -33.68 4.62 6.61
N ARG C 214 -34.48 5.23 5.72
CA ARG C 214 -33.95 5.56 4.39
C ARG C 214 -32.71 6.44 4.50
N GLU C 215 -32.72 7.39 5.43
CA GLU C 215 -31.55 8.28 5.59
C GLU C 215 -30.33 7.50 6.06
N GLU C 216 -30.52 6.55 6.97
CA GLU C 216 -29.36 5.78 7.44
C GLU C 216 -28.80 4.90 6.33
N ALA C 217 -29.67 4.28 5.54
CA ALA C 217 -29.23 3.48 4.40
C ALA C 217 -28.48 4.34 3.39
N ASP C 218 -29.02 5.53 3.10
CA ASP C 218 -28.38 6.43 2.13
C ASP C 218 -27.00 6.82 2.61
N GLU C 219 -26.84 7.00 3.93
CA GLU C 219 -25.53 7.39 4.47
C GLU C 219 -24.48 6.30 4.24
N TYR C 220 -24.86 5.03 4.38
CA TYR C 220 -23.87 3.97 4.17
C TYR C 220 -23.40 3.92 2.73
N ILE C 221 -24.30 4.21 1.78
CA ILE C 221 -23.87 4.34 0.40
C ILE C 221 -22.89 5.51 0.28
N ASP C 222 -23.21 6.62 0.92
CA ASP C 222 -22.41 7.82 0.77
C ASP C 222 -21.02 7.67 1.37
N ILE C 223 -20.87 6.96 2.49
CA ILE C 223 -19.54 6.84 3.09
C ILE C 223 -18.73 5.72 2.46
N GLY C 224 -19.29 5.01 1.48
CA GLY C 224 -18.51 4.05 0.73
C GLY C 224 -18.48 2.65 1.29
N ALA C 225 -19.52 2.23 2.01
CA ALA C 225 -19.50 0.88 2.55
C ALA C 225 -19.52 -0.18 1.45
N LEU C 226 -20.27 0.06 0.37
CA LEU C 226 -20.50 -1.03 -0.57
C LEU C 226 -19.24 -1.45 -1.29
N ASN C 227 -18.33 -0.51 -1.59
CA ASN C 227 -17.06 -0.92 -2.21
C ASN C 227 -16.30 -1.90 -1.33
N GLY C 228 -16.47 -1.80 0.00
CA GLY C 228 -15.78 -2.73 0.88
C GLY C 228 -16.12 -4.18 0.60
N ILE C 229 -17.34 -4.44 0.17
CA ILE C 229 -17.77 -5.80 -0.11
C ILE C 229 -16.88 -6.42 -1.18
N PHE C 230 -16.60 -5.69 -2.26
CA PHE C 230 -15.74 -6.25 -3.29
C PHE C 230 -14.30 -6.34 -2.80
N VAL C 231 -13.82 -5.31 -2.10
CA VAL C 231 -12.44 -5.32 -1.58
C VAL C 231 -12.21 -6.55 -0.69
N LEU C 232 -13.11 -6.80 0.23
CA LEU C 232 -12.92 -7.91 1.15
C LEU C 232 -13.08 -9.23 0.44
N GLY C 233 -14.08 -9.32 -0.44
CA GLY C 233 -14.31 -10.52 -1.20
C GLY C 233 -13.11 -10.90 -2.05
N ARG C 234 -12.63 -9.94 -2.86
CA ARG C 234 -11.56 -10.23 -3.79
C ARG C 234 -10.21 -10.40 -3.10
N SER C 235 -10.07 -9.90 -1.87
CA SER C 235 -8.85 -10.16 -1.10
C SER C 235 -8.60 -11.66 -1.01
N MET C 236 -9.65 -12.46 -0.93
N MET C 236 -9.66 -12.46 -0.90
CA MET C 236 -9.42 -13.90 -0.82
CA MET C 236 -9.50 -13.91 -0.84
C MET C 236 -8.77 -14.45 -2.08
C MET C 236 -8.76 -14.42 -2.07
N GLY C 237 -9.24 -14.01 -3.26
CA GLY C 237 -8.63 -14.47 -4.50
C GLY C 237 -7.21 -13.96 -4.68
N PHE C 238 -6.96 -12.70 -4.32
CA PHE C 238 -5.59 -12.17 -4.48
C PHE C 238 -4.61 -12.89 -3.54
N ILE C 239 -5.03 -13.22 -2.29
CA ILE C 239 -4.17 -14.02 -1.45
C ILE C 239 -3.95 -15.42 -2.09
N GLY C 240 -5.03 -15.98 -2.66
CA GLY C 240 -4.88 -17.24 -3.39
C GLY C 240 -3.86 -17.17 -4.52
N HIS C 241 -3.88 -16.07 -5.28
CA HIS C 241 -2.91 -15.90 -6.35
C HIS C 241 -1.48 -15.80 -5.81
N TYR C 242 -1.30 -15.08 -4.71
CA TYR C 242 0.02 -15.02 -4.10
C TYR C 242 0.50 -16.42 -3.73
N LEU C 243 -0.33 -17.18 -3.02
CA LEU C 243 0.10 -18.51 -2.62
C LEU C 243 0.38 -19.40 -3.82
N ASP C 244 -0.46 -19.28 -4.88
CA ASP C 244 -0.29 -20.06 -6.11
C ASP C 244 1.06 -19.79 -6.75
N GLN C 245 1.39 -18.51 -6.92
CA GLN C 245 2.67 -18.16 -7.54
C GLN C 245 3.87 -18.64 -6.73
N LYS C 246 3.75 -18.62 -5.38
CA LYS C 246 4.81 -19.14 -4.53
C LYS C 246 4.95 -20.65 -4.70
N ARG C 247 3.84 -21.37 -4.75
CA ARG C 247 3.91 -22.81 -4.95
C ARG C 247 4.39 -23.19 -6.34
N LEU C 248 4.03 -22.39 -7.35
CA LEU C 248 4.48 -22.62 -8.72
C LEU C 248 5.93 -22.21 -8.97
N LYS C 249 6.59 -21.59 -7.97
CA LYS C 249 7.98 -21.14 -8.06
C LYS C 249 8.21 -20.23 -9.26
N GLN C 250 7.18 -19.48 -9.63
CA GLN C 250 7.29 -18.58 -10.76
C GLN C 250 8.31 -17.48 -10.44
N GLY C 251 9.13 -17.15 -11.44
CA GLY C 251 10.22 -16.22 -11.28
C GLY C 251 9.87 -14.77 -11.65
N LEU C 252 10.86 -13.90 -11.49
CA LEU C 252 10.68 -12.47 -11.71
C LEU C 252 10.05 -12.17 -13.07
N TYR C 253 9.05 -11.30 -13.06
CA TYR C 253 8.37 -10.88 -14.28
C TYR C 253 8.99 -9.59 -14.82
N ARG C 254 9.05 -9.49 -16.14
CA ARG C 254 9.44 -8.25 -16.82
C ARG C 254 8.62 -8.19 -18.09
N HIS C 255 7.95 -7.07 -18.31
CA HIS C 255 7.02 -7.00 -19.43
C HIS C 255 7.79 -6.95 -20.75
N PRO C 256 7.32 -7.69 -21.78
CA PRO C 256 8.06 -7.71 -23.06
C PRO C 256 8.05 -6.36 -23.78
N TRP C 257 9.23 -5.99 -24.30
CA TRP C 257 9.34 -4.76 -25.09
C TRP C 257 8.45 -4.78 -26.32
N ASP C 258 8.20 -5.96 -26.89
CA ASP C 258 7.42 -6.07 -28.12
C ASP C 258 5.98 -5.62 -27.90
N ASP C 259 5.55 -5.57 -26.65
CA ASP C 259 4.20 -5.14 -26.30
C ASP C 259 4.16 -3.69 -25.81
N ILE C 260 5.22 -2.93 -26.04
CA ILE C 260 5.33 -1.56 -25.56
C ILE C 260 5.78 -0.67 -26.71
N SER C 261 5.04 0.38 -26.97
CA SER C 261 5.44 1.36 -27.98
C SER C 261 6.09 2.53 -27.28
N TYR C 262 7.38 2.73 -27.54
CA TYR C 262 8.14 3.83 -26.96
C TYR C 262 8.05 5.00 -27.94
N VAL C 263 7.60 6.15 -27.45
CA VAL C 263 7.51 7.36 -28.25
C VAL C 263 8.03 8.52 -27.41
N LEU C 264 9.34 8.62 -27.27
CA LEU C 264 9.94 9.69 -26.50
C LEU C 264 10.06 10.95 -27.35
N PRO C 265 10.10 12.14 -26.73
CA PRO C 265 10.33 13.40 -27.46
C PRO C 265 11.69 13.44 -28.15
N LYS D 5 5.42 -18.71 -28.72
CA LYS D 5 4.59 -17.92 -27.83
C LYS D 5 4.27 -18.59 -26.47
N PRO D 6 5.32 -19.01 -25.74
CA PRO D 6 5.07 -19.67 -24.44
C PRO D 6 4.54 -18.70 -23.40
N ALA D 7 3.51 -19.14 -22.67
CA ALA D 7 2.76 -18.22 -21.82
C ALA D 7 3.62 -17.64 -20.72
N SER D 8 3.46 -16.34 -20.47
CA SER D 8 4.25 -15.67 -19.45
C SER D 8 3.66 -15.76 -18.07
N PHE D 9 2.36 -16.06 -17.96
CA PHE D 9 1.70 -16.26 -16.67
C PHE D 9 1.20 -17.69 -16.57
N MET D 10 1.18 -18.20 -15.35
CA MET D 10 0.65 -19.53 -15.05
C MET D 10 -0.26 -19.38 -13.84
N THR D 11 -1.37 -20.13 -13.81
CA THR D 11 -2.35 -19.96 -12.76
C THR D 11 -3.09 -21.28 -12.54
N SER D 12 -3.45 -21.54 -11.28
CA SER D 12 -4.05 -22.82 -10.91
C SER D 12 -5.42 -22.72 -10.26
N ILE D 13 -5.87 -21.52 -9.88
CA ILE D 13 -6.93 -21.47 -8.88
C ILE D 13 -8.33 -21.16 -9.38
N CYS D 14 -8.44 -20.45 -10.50
CA CYS D 14 -9.73 -19.95 -10.95
C CYS D 14 -9.69 -19.80 -12.46
N ASP D 15 -10.77 -20.24 -13.12
CA ASP D 15 -10.89 -20.11 -14.57
C ASP D 15 -12.19 -19.41 -14.90
N GLU D 16 -12.09 -18.19 -15.42
CA GLU D 16 -13.25 -17.38 -15.77
C GLU D 16 -13.49 -17.30 -17.26
N ARG D 17 -12.80 -18.14 -18.05
CA ARG D 17 -12.89 -18.10 -19.52
C ARG D 17 -14.13 -18.78 -20.06
N GLY D 18 -14.71 -19.73 -19.33
CA GLY D 18 -15.94 -20.35 -19.76
C GLY D 18 -17.14 -19.50 -19.43
N GLN D 19 -18.32 -20.02 -19.80
CA GLN D 19 -19.54 -19.25 -19.52
C GLN D 19 -19.77 -19.13 -18.01
N GLU D 20 -19.55 -20.24 -17.31
CA GLU D 20 -19.65 -20.31 -15.85
C GLU D 20 -18.29 -20.32 -15.15
N LEU D 21 -18.11 -19.40 -14.22
CA LEU D 21 -16.92 -19.31 -13.40
C LEU D 21 -16.62 -20.59 -12.64
N ILE D 22 -15.34 -20.94 -12.56
CA ILE D 22 -14.84 -22.15 -11.91
C ILE D 22 -13.81 -21.78 -10.85
N TYR D 23 -14.00 -22.28 -9.65
CA TYR D 23 -13.01 -22.19 -8.56
C TYR D 23 -12.37 -23.57 -8.38
N ALA D 24 -11.09 -23.70 -8.73
CA ALA D 24 -10.30 -24.93 -8.53
C ALA D 24 -11.06 -26.17 -8.98
N GLY D 25 -11.61 -26.10 -10.18
CA GLY D 25 -12.35 -27.24 -10.71
C GLY D 25 -13.80 -27.38 -10.28
N MET D 26 -14.30 -26.56 -9.34
CA MET D 26 -15.72 -26.57 -9.02
C MET D 26 -16.44 -25.42 -9.70
N PRO D 27 -17.41 -25.66 -10.57
CA PRO D 27 -18.26 -24.56 -11.07
C PRO D 27 -18.94 -23.83 -9.91
N ILE D 28 -19.05 -22.52 -10.06
CA ILE D 28 -19.60 -21.69 -8.98
C ILE D 28 -21.02 -22.14 -8.58
N THR D 29 -21.81 -22.63 -9.52
CA THR D 29 -23.12 -23.13 -9.09
C THR D 29 -22.96 -24.31 -8.13
N GLU D 30 -21.98 -25.20 -8.36
CA GLU D 30 -21.84 -26.34 -7.46
C GLU D 30 -21.30 -25.91 -6.11
N VAL D 31 -20.48 -24.87 -6.07
CA VAL D 31 -20.03 -24.33 -4.80
C VAL D 31 -21.23 -24.00 -3.91
N PHE D 32 -22.27 -23.38 -4.48
CA PHE D 32 -23.45 -23.02 -3.69
C PHE D 32 -24.35 -24.22 -3.46
N LYS D 33 -24.52 -25.07 -4.46
CA LYS D 33 -25.35 -26.25 -4.24
C LYS D 33 -24.80 -27.13 -3.13
N GLU D 34 -23.48 -27.18 -3.00
CA GLU D 34 -22.85 -27.98 -1.96
C GLU D 34 -22.69 -27.21 -0.64
N GLU D 35 -23.17 -25.97 -0.58
CA GLU D 35 -23.15 -25.17 0.65
C GLU D 35 -21.75 -25.04 1.22
N MET D 36 -20.79 -24.75 0.35
N MET D 36 -20.79 -24.75 0.33
CA MET D 36 -19.41 -24.75 0.82
CA MET D 36 -19.39 -24.71 0.72
C MET D 36 -19.05 -23.53 1.65
C MET D 36 -19.08 -23.55 1.65
N GLY D 37 -19.81 -22.45 1.51
CA GLY D 37 -19.58 -21.24 2.31
C GLY D 37 -18.24 -20.57 1.97
N ILE D 38 -17.97 -19.50 2.73
CA ILE D 38 -16.70 -18.77 2.55
C ILE D 38 -15.52 -19.68 2.86
N GLY D 39 -15.62 -20.53 3.87
CA GLY D 39 -14.51 -21.39 4.21
C GLY D 39 -14.20 -22.39 3.11
N GLY D 40 -15.24 -22.91 2.46
CA GLY D 40 -15.00 -23.84 1.36
C GLY D 40 -14.44 -23.16 0.13
N VAL D 41 -14.85 -21.90 -0.11
CA VAL D 41 -14.25 -21.14 -1.22
C VAL D 41 -12.78 -20.88 -0.93
N LEU D 42 -12.45 -20.55 0.32
CA LEU D 42 -11.05 -20.39 0.69
C LEU D 42 -10.27 -21.68 0.45
N GLY D 43 -10.84 -22.83 0.81
CA GLY D 43 -10.12 -24.07 0.55
C GLY D 43 -9.84 -24.30 -0.91
N LEU D 44 -10.82 -23.97 -1.77
CA LEU D 44 -10.65 -24.09 -3.22
C LEU D 44 -9.59 -23.12 -3.72
N LEU D 45 -9.71 -21.86 -3.38
CA LEU D 45 -8.78 -20.90 -3.97
C LEU D 45 -7.40 -20.89 -3.33
N TRP D 46 -7.27 -21.16 -2.03
CA TRP D 46 -5.94 -21.14 -1.44
C TRP D 46 -5.25 -22.48 -1.53
N PHE D 47 -6.01 -23.60 -1.40
CA PHE D 47 -5.42 -24.93 -1.28
C PHE D 47 -5.78 -25.87 -2.43
N GLN D 48 -6.69 -25.46 -3.32
CA GLN D 48 -7.20 -26.26 -4.43
C GLN D 48 -7.75 -27.59 -3.93
N LYS D 49 -8.45 -27.53 -2.81
CA LYS D 49 -9.06 -28.72 -2.23
C LYS D 49 -10.51 -28.45 -1.85
N ARG D 50 -11.32 -29.51 -1.90
CA ARG D 50 -12.68 -29.49 -1.36
C ARG D 50 -12.55 -29.97 0.07
N LEU D 51 -12.54 -29.05 1.01
CA LEU D 51 -12.32 -29.40 2.41
C LEU D 51 -13.59 -29.99 3.00
N PRO D 52 -13.44 -30.85 4.02
CA PRO D 52 -14.62 -31.29 4.81
C PRO D 52 -15.39 -30.12 5.41
N LYS D 53 -16.67 -30.34 5.66
CA LYS D 53 -17.52 -29.25 6.14
C LYS D 53 -17.00 -28.66 7.43
N TYR D 54 -16.56 -29.51 8.39
CA TYR D 54 -16.07 -28.96 9.66
C TYR D 54 -14.79 -28.13 9.47
N SER D 55 -13.99 -28.45 8.47
CA SER D 55 -12.81 -27.63 8.22
C SER D 55 -13.20 -26.27 7.63
N CYS D 56 -14.14 -26.26 6.69
CA CYS D 56 -14.67 -25.01 6.17
C CYS D 56 -15.25 -24.16 7.30
N GLN D 57 -16.00 -24.78 8.21
CA GLN D 57 -16.59 -24.00 9.28
C GLN D 57 -15.52 -23.49 10.24
N PHE D 58 -14.47 -24.29 10.48
CA PHE D 58 -13.39 -23.82 11.34
C PHE D 58 -12.70 -22.62 10.72
N ILE D 59 -12.47 -22.66 9.40
CA ILE D 59 -11.87 -21.49 8.73
C ILE D 59 -12.74 -20.25 8.91
N GLU D 60 -14.05 -20.39 8.73
CA GLU D 60 -14.92 -19.24 8.92
C GLU D 60 -14.84 -18.71 10.36
N MET D 61 -14.75 -19.63 11.33
N MET D 61 -14.74 -19.63 11.33
CA MET D 61 -14.63 -19.25 12.72
CA MET D 61 -14.64 -19.21 12.72
C MET D 61 -13.36 -18.46 12.97
C MET D 61 -13.35 -18.46 12.98
N CYS D 62 -12.26 -18.87 12.35
CA CYS D 62 -11.03 -18.12 12.47
C CYS D 62 -11.18 -16.73 11.91
N LEU D 63 -11.84 -16.60 10.75
CA LEU D 63 -12.07 -15.25 10.20
C LEU D 63 -12.97 -14.42 11.12
N MET D 64 -13.96 -15.04 11.75
CA MET D 64 -14.85 -14.31 12.64
C MET D 64 -14.13 -13.85 13.91
N VAL D 65 -13.25 -14.71 14.46
CA VAL D 65 -12.56 -14.44 15.71
C VAL D 65 -11.48 -13.38 15.52
N THR D 66 -10.86 -13.35 14.36
CA THR D 66 -9.83 -12.35 14.06
C THR D 66 -10.37 -11.07 13.41
N ALA D 67 -11.68 -10.93 13.21
CA ALA D 67 -12.23 -9.82 12.46
C ALA D 67 -11.81 -8.48 13.05
N ASP D 68 -11.91 -8.33 14.37
CA ASP D 68 -11.42 -7.07 14.93
C ASP D 68 -10.94 -7.24 16.36
N HIS D 69 -10.02 -6.38 16.78
CA HIS D 69 -9.72 -6.34 18.21
C HIS D 69 -9.51 -4.90 18.69
N GLY D 70 -10.36 -4.01 18.19
CA GLY D 70 -10.42 -2.66 18.67
C GLY D 70 -9.57 -1.70 17.87
N PRO D 71 -9.73 -0.41 18.18
CA PRO D 71 -9.07 0.65 17.41
C PRO D 71 -7.67 0.94 17.87
N ALA D 72 -7.18 0.32 18.95
CA ALA D 72 -5.90 0.74 19.52
C ALA D 72 -4.71 0.01 18.91
N VAL D 73 -4.89 -1.19 18.38
CA VAL D 73 -3.79 -1.94 17.79
C VAL D 73 -3.25 -1.22 16.56
N SER D 74 -1.97 -1.48 16.26
CA SER D 74 -1.22 -0.70 15.27
C SER D 74 -2.00 -0.51 13.97
N GLY D 75 -2.47 -1.62 13.39
CA GLY D 75 -3.07 -1.53 12.07
C GLY D 75 -4.40 -0.80 12.06
N ALA D 76 -5.27 -1.06 13.03
CA ALA D 76 -6.51 -0.32 13.12
C ALA D 76 -6.26 1.17 13.31
N HIS D 77 -5.32 1.50 14.16
CA HIS D 77 -4.96 2.89 14.39
C HIS D 77 -4.50 3.57 13.11
N ASN D 78 -3.60 2.93 12.35
CA ASN D 78 -3.15 3.52 11.10
C ASN D 78 -4.31 3.69 10.12
N THR D 79 -5.22 2.71 10.01
CA THR D 79 -6.39 2.88 9.15
C THR D 79 -7.23 4.09 9.57
N ILE D 80 -7.46 4.23 10.87
CA ILE D 80 -8.21 5.32 11.46
C ILE D 80 -7.57 6.66 11.12
N ILE D 81 -6.25 6.73 11.23
CA ILE D 81 -5.54 7.96 10.89
C ILE D 81 -5.76 8.34 9.42
N CYS D 82 -5.67 7.35 8.52
N CYS D 82 -5.69 7.34 8.53
CA CYS D 82 -5.93 7.59 7.10
CA CYS D 82 -5.91 7.58 7.10
C CYS D 82 -7.35 8.06 6.86
C CYS D 82 -7.34 8.01 6.83
N ALA D 83 -8.32 7.38 7.49
CA ALA D 83 -9.70 7.79 7.38
C ALA D 83 -9.89 9.23 7.82
N ARG D 84 -9.25 9.61 8.93
CA ARG D 84 -9.33 10.97 9.44
C ARG D 84 -8.57 11.94 8.59
N ALA D 85 -7.63 11.46 7.77
CA ALA D 85 -6.97 12.31 6.78
C ALA D 85 -7.79 12.43 5.48
N GLY D 86 -9.02 11.91 5.46
CA GLY D 86 -9.89 12.08 4.33
C GLY D 86 -9.66 11.15 3.17
N LYS D 87 -8.92 10.06 3.39
CA LYS D 87 -8.55 9.14 2.32
C LYS D 87 -9.70 8.16 2.03
N ASP D 88 -9.58 7.48 0.91
CA ASP D 88 -10.53 6.48 0.44
C ASP D 88 -10.36 5.18 1.20
N LEU D 89 -11.30 4.24 0.98
CA LEU D 89 -11.35 2.99 1.72
C LEU D 89 -10.11 2.13 1.48
N VAL D 90 -9.71 1.96 0.21
CA VAL D 90 -8.63 1.06 -0.11
C VAL D 90 -7.31 1.60 0.40
N SER D 91 -7.06 2.90 0.25
CA SER D 91 -5.83 3.47 0.79
C SER D 91 -5.78 3.30 2.30
N SER D 92 -6.90 3.56 2.98
CA SER D 92 -6.91 3.50 4.44
C SER D 92 -6.74 2.08 4.94
N LEU D 93 -7.44 1.13 4.31
CA LEU D 93 -7.24 -0.26 4.66
C LEU D 93 -5.80 -0.69 4.48
N THR D 94 -5.19 -0.34 3.35
N THR D 94 -5.22 -0.34 3.32
CA THR D 94 -3.85 -0.86 3.08
CA THR D 94 -3.86 -0.77 3.01
C THR D 94 -2.82 -0.21 3.99
C THR D 94 -2.88 -0.22 4.03
N SER D 95 -3.02 1.05 4.38
CA SER D 95 -2.17 1.65 5.40
C SER D 95 -2.16 0.82 6.68
N GLY D 96 -3.32 0.28 7.07
CA GLY D 96 -3.33 -0.59 8.23
C GLY D 96 -2.78 -1.99 8.02
N LEU D 97 -3.12 -2.60 6.87
CA LEU D 97 -2.63 -3.94 6.57
C LEU D 97 -1.12 -3.97 6.55
N LEU D 98 -0.50 -2.88 6.11
CA LEU D 98 0.94 -2.86 5.98
C LEU D 98 1.68 -2.92 7.32
N THR D 99 0.98 -2.77 8.46
CA THR D 99 1.60 -2.96 9.75
C THR D 99 1.67 -4.44 10.15
N ILE D 100 1.07 -5.33 9.40
CA ILE D 100 0.88 -6.72 9.82
C ILE D 100 2.05 -7.57 9.35
N GLY D 101 2.49 -8.47 10.23
CA GLY D 101 3.32 -9.59 9.78
C GLY D 101 4.46 -9.96 10.71
N ASP D 102 4.77 -9.07 11.64
CA ASP D 102 5.82 -9.35 12.58
C ASP D 102 5.32 -9.21 14.02
N ARG D 103 5.53 -8.06 14.63
CA ARG D 103 5.07 -7.91 16.01
C ARG D 103 3.55 -7.77 16.13
N PHE D 104 2.87 -7.44 15.03
CA PHE D 104 1.40 -7.32 15.03
C PHE D 104 0.87 -8.29 14.00
N GLY D 105 0.17 -9.34 14.44
CA GLY D 105 -0.39 -10.31 13.53
C GLY D 105 0.57 -11.37 12.98
N GLY D 106 1.84 -11.37 13.38
CA GLY D 106 2.74 -12.41 12.89
C GLY D 106 2.86 -13.66 13.74
N ALA D 107 2.27 -13.66 14.94
CA ALA D 107 2.48 -14.74 15.86
C ALA D 107 1.70 -15.98 15.48
N LEU D 108 0.65 -15.84 14.65
CA LEU D 108 -0.05 -17.03 14.17
C LEU D 108 0.93 -17.93 13.43
N ASP D 109 1.55 -17.37 12.40
CA ASP D 109 2.58 -18.06 11.62
C ASP D 109 3.77 -18.51 12.48
N ALA D 110 4.28 -17.62 13.34
CA ALA D 110 5.49 -17.99 14.10
C ALA D 110 5.22 -19.15 15.07
N ALA D 111 4.05 -19.13 15.69
CA ALA D 111 3.66 -20.19 16.61
C ALA D 111 3.45 -21.52 15.88
N ALA D 112 2.79 -21.48 14.73
CA ALA D 112 2.60 -22.71 13.97
C ALA D 112 3.95 -23.35 13.65
N LYS D 113 4.91 -22.54 13.23
CA LYS D 113 6.20 -23.08 12.87
C LYS D 113 6.98 -23.57 14.07
N MET D 114 7.00 -22.78 15.15
CA MET D 114 7.85 -23.12 16.28
C MET D 114 7.31 -24.36 17.00
N PHE D 115 5.98 -24.42 17.17
CA PHE D 115 5.42 -25.60 17.83
C PHE D 115 5.54 -26.85 16.96
N SER D 116 5.31 -26.72 15.64
CA SER D 116 5.48 -27.88 14.76
C SER D 116 6.91 -28.41 14.84
N LYS D 117 7.90 -27.52 14.81
CA LYS D 117 9.28 -27.97 14.85
C LYS D 117 9.60 -28.70 16.16
N ALA D 118 9.11 -28.18 17.28
CA ALA D 118 9.38 -28.85 18.54
C ALA D 118 8.67 -30.20 18.61
N PHE D 119 7.39 -30.22 18.23
CA PHE D 119 6.62 -31.47 18.25
C PHE D 119 7.26 -32.53 17.38
N ASP D 120 7.58 -32.19 16.13
CA ASP D 120 8.14 -33.16 15.19
C ASP D 120 9.48 -33.70 15.64
N SER D 121 10.27 -32.90 16.34
CA SER D 121 11.61 -33.29 16.78
C SER D 121 11.58 -34.25 17.95
N GLY D 122 10.43 -34.42 18.61
CA GLY D 122 10.31 -35.35 19.70
C GLY D 122 10.64 -34.79 21.06
N ILE D 123 11.00 -33.52 21.15
CA ILE D 123 11.29 -32.95 22.46
C ILE D 123 9.99 -32.79 23.23
N ILE D 124 10.00 -33.17 24.50
CA ILE D 124 8.79 -33.13 25.31
C ILE D 124 8.54 -31.70 25.78
N PRO D 125 7.30 -31.37 26.18
CA PRO D 125 7.00 -29.96 26.52
C PRO D 125 7.91 -29.34 27.57
N MET D 126 8.20 -30.04 28.67
CA MET D 126 9.06 -29.44 29.69
C MET D 126 10.43 -29.13 29.12
N GLU D 127 10.97 -30.03 28.30
CA GLU D 127 12.31 -29.79 27.76
C GLU D 127 12.29 -28.71 26.70
N PHE D 128 11.20 -28.61 25.94
CA PHE D 128 11.04 -27.48 25.00
C PHE D 128 11.04 -26.16 25.77
N VAL D 129 10.22 -26.05 26.81
CA VAL D 129 10.23 -24.84 27.64
C VAL D 129 11.64 -24.54 28.13
N ASN D 130 12.30 -25.52 28.77
CA ASN D 130 13.62 -25.27 29.34
C ASN D 130 14.63 -24.87 28.26
N LYS D 131 14.56 -25.54 27.10
CA LYS D 131 15.46 -25.20 26.00
C LYS D 131 15.32 -23.74 25.58
N MET D 132 14.08 -23.31 25.34
N MET D 132 14.08 -23.31 25.34
CA MET D 132 13.88 -21.96 24.80
CA MET D 132 13.85 -21.97 24.83
C MET D 132 14.28 -20.89 25.81
C MET D 132 14.31 -20.91 25.82
N LYS D 133 14.15 -21.17 27.11
CA LYS D 133 14.63 -20.22 28.12
C LYS D 133 16.15 -20.17 28.12
N LYS D 134 16.81 -21.34 28.22
CA LYS D 134 18.27 -21.38 28.18
C LYS D 134 18.79 -20.68 26.94
N GLU D 135 18.01 -20.67 25.86
CA GLU D 135 18.40 -20.03 24.62
C GLU D 135 17.92 -18.60 24.52
N GLY D 136 17.24 -18.08 25.54
CA GLY D 136 16.65 -16.77 25.49
C GLY D 136 15.81 -16.54 24.23
N LYS D 137 14.96 -17.50 23.87
CA LYS D 137 13.97 -17.31 22.82
C LYS D 137 12.59 -17.37 23.45
N LEU D 138 11.76 -16.38 23.16
CA LEU D 138 10.38 -16.42 23.63
C LEU D 138 9.59 -17.46 22.84
N ILE D 139 8.67 -18.13 23.52
CA ILE D 139 7.79 -19.10 22.89
C ILE D 139 6.68 -18.34 22.18
N MET D 140 6.66 -18.39 20.85
CA MET D 140 5.66 -17.64 20.11
C MET D 140 4.30 -18.30 20.27
N GLY D 141 3.26 -17.47 20.47
CA GLY D 141 1.92 -17.94 20.73
C GLY D 141 1.63 -18.11 22.20
N ILE D 142 2.61 -17.79 23.06
CA ILE D 142 2.48 -17.81 24.51
C ILE D 142 2.62 -16.39 25.03
N GLY D 143 1.84 -16.06 26.05
CA GLY D 143 1.91 -14.76 26.68
C GLY D 143 0.84 -13.82 26.18
N HIS D 144 0.42 -12.91 27.04
CA HIS D 144 -0.58 -11.90 26.67
C HIS D 144 -0.43 -10.68 27.58
N ARG D 145 -0.71 -9.50 26.99
CA ARG D 145 -0.62 -8.24 27.74
C ARG D 145 -1.59 -8.16 28.92
N VAL D 146 -2.71 -8.90 28.90
CA VAL D 146 -3.69 -8.75 29.97
C VAL D 146 -4.38 -10.05 30.39
N LYS D 147 -4.54 -11.00 29.47
CA LYS D 147 -5.24 -12.22 29.85
C LYS D 147 -4.28 -13.15 30.60
N SER D 148 -4.85 -14.15 31.27
CA SER D 148 -4.18 -14.87 32.34
C SER D 148 -4.97 -16.12 32.68
N ILE D 149 -4.37 -17.00 33.46
CA ILE D 149 -5.07 -18.19 33.96
C ILE D 149 -6.31 -17.84 34.78
N ASN D 150 -6.49 -16.57 35.18
CA ASN D 150 -7.70 -16.14 35.86
C ASN D 150 -8.60 -15.26 35.01
N ASN D 151 -8.04 -14.49 34.06
CA ASN D 151 -8.82 -13.78 33.06
C ASN D 151 -8.67 -14.50 31.72
N PRO D 152 -9.29 -15.67 31.53
CA PRO D 152 -9.10 -16.41 30.27
C PRO D 152 -9.62 -15.63 29.07
N ASP D 153 -9.12 -16.04 27.90
CA ASP D 153 -9.47 -15.43 26.62
C ASP D 153 -10.59 -16.24 25.99
N MET D 154 -11.76 -15.61 25.83
CA MET D 154 -12.94 -16.30 25.30
C MET D 154 -12.76 -16.74 23.84
N ARG D 155 -12.00 -16.01 23.03
CA ARG D 155 -11.77 -16.45 21.66
C ARG D 155 -11.03 -17.81 21.64
N VAL D 156 -10.08 -18.02 22.55
CA VAL D 156 -9.38 -19.29 22.65
C VAL D 156 -10.36 -20.39 23.02
N GLN D 157 -11.20 -20.14 24.01
CA GLN D 157 -12.17 -21.15 24.45
C GLN D 157 -13.09 -21.55 23.30
N ILE D 158 -13.59 -20.56 22.55
CA ILE D 158 -14.53 -20.85 21.46
C ILE D 158 -13.89 -21.74 20.42
N LEU D 159 -12.70 -21.39 19.96
CA LEU D 159 -12.06 -22.21 18.94
C LEU D 159 -11.65 -23.60 19.49
N LYS D 160 -11.12 -23.64 20.71
CA LYS D 160 -10.73 -24.90 21.33
C LYS D 160 -11.92 -25.85 21.45
N ASP D 161 -13.06 -25.33 21.92
CA ASP D 161 -14.27 -26.16 22.00
C ASP D 161 -14.64 -26.74 20.65
N TYR D 162 -14.58 -25.93 19.59
CA TYR D 162 -15.02 -26.36 18.28
C TYR D 162 -14.10 -27.44 17.72
N VAL D 163 -12.79 -27.18 17.77
N VAL D 163 -12.79 -27.21 17.75
CA VAL D 163 -11.81 -28.10 17.18
CA VAL D 163 -11.91 -28.17 17.11
C VAL D 163 -11.91 -29.47 17.82
C VAL D 163 -11.93 -29.51 17.82
N ARG D 164 -12.11 -29.52 19.13
CA ARG D 164 -12.16 -30.80 19.84
C ARG D 164 -13.41 -31.59 19.44
N GLN D 165 -14.51 -30.87 19.14
CA GLN D 165 -15.75 -31.52 18.75
C GLN D 165 -15.67 -32.12 17.34
N HIS D 166 -14.82 -31.58 16.46
CA HIS D 166 -14.89 -31.96 15.04
C HIS D 166 -13.63 -32.57 14.45
N PHE D 167 -12.45 -32.19 14.93
CA PHE D 167 -11.22 -32.65 14.33
C PHE D 167 -10.97 -34.12 14.72
N PRO D 168 -10.47 -34.94 13.79
CA PRO D 168 -10.15 -36.34 14.17
C PRO D 168 -9.13 -36.45 15.28
N ALA D 169 -8.14 -35.56 15.31
CA ALA D 169 -7.14 -35.48 16.36
C ALA D 169 -6.64 -34.04 16.34
N THR D 170 -6.08 -33.62 17.48
CA THR D 170 -5.50 -32.29 17.62
C THR D 170 -4.18 -32.43 18.38
N PRO D 171 -3.22 -33.16 17.80
CA PRO D 171 -1.97 -33.44 18.54
C PRO D 171 -1.16 -32.19 18.84
N LEU D 172 -1.06 -31.26 17.88
CA LEU D 172 -0.23 -30.09 18.11
C LEU D 172 -0.88 -29.17 19.14
N LEU D 173 -2.19 -29.02 19.08
CA LEU D 173 -2.90 -28.25 20.09
C LEU D 173 -2.70 -28.85 21.48
N ASP D 174 -2.83 -30.16 21.59
CA ASP D 174 -2.61 -30.83 22.89
C ASP D 174 -1.19 -30.60 23.41
N TYR D 175 -0.20 -30.63 22.51
CA TYR D 175 1.18 -30.35 22.89
C TYR D 175 1.32 -28.93 23.38
N ALA D 176 0.71 -27.97 22.66
CA ALA D 176 0.78 -26.56 23.02
C ALA D 176 0.08 -26.31 24.36
N LEU D 177 -0.99 -27.02 24.65
CA LEU D 177 -1.63 -26.91 25.94
C LEU D 177 -0.77 -27.51 27.07
N GLU D 178 0.00 -28.55 26.78
CA GLU D 178 0.94 -29.04 27.79
C GLU D 178 1.99 -27.99 28.07
N VAL D 179 2.49 -27.32 27.02
CA VAL D 179 3.39 -26.19 27.22
C VAL D 179 2.74 -25.14 28.12
N GLU D 180 1.48 -24.80 27.85
CA GLU D 180 0.81 -23.75 28.61
C GLU D 180 0.69 -24.10 30.09
N LYS D 181 0.40 -25.36 30.40
CA LYS D 181 0.35 -25.76 31.81
C LYS D 181 1.68 -25.50 32.52
N ILE D 182 2.79 -25.70 31.81
CA ILE D 182 4.10 -25.45 32.40
C ILE D 182 4.35 -23.96 32.51
N THR D 183 4.15 -23.21 31.43
CA THR D 183 4.50 -21.80 31.47
C THR D 183 3.62 -21.03 32.46
N THR D 184 2.32 -21.35 32.54
CA THR D 184 1.48 -20.61 33.47
C THR D 184 1.73 -21.01 34.92
N SER D 185 2.24 -22.23 35.15
CA SER D 185 2.70 -22.63 36.47
C SER D 185 3.66 -21.60 37.07
N LYS D 186 4.49 -20.97 36.22
CA LYS D 186 5.48 -19.98 36.66
C LYS D 186 4.88 -18.58 36.63
N LYS D 187 4.52 -18.09 35.43
CA LYS D 187 3.97 -16.75 35.23
C LYS D 187 2.53 -16.88 34.76
N PRO D 188 1.53 -16.42 35.53
CA PRO D 188 0.14 -16.69 35.13
C PRO D 188 -0.31 -16.01 33.83
N ASN D 189 0.41 -15.01 33.33
CA ASN D 189 0.08 -14.38 32.06
C ASN D 189 0.61 -15.14 30.83
N LEU D 190 1.36 -16.22 31.01
CA LEU D 190 1.95 -16.94 29.87
C LEU D 190 0.99 -18.01 29.34
N ILE D 191 -0.19 -17.56 28.96
CA ILE D 191 -1.23 -18.43 28.43
C ILE D 191 -0.98 -18.74 26.96
N LEU D 192 -1.66 -19.74 26.44
CA LEU D 192 -1.74 -19.94 24.99
C LEU D 192 -2.66 -18.86 24.43
N ASN D 193 -2.10 -17.90 23.72
CA ASN D 193 -2.90 -16.76 23.29
C ASN D 193 -3.63 -17.10 21.99
N VAL D 194 -4.49 -16.16 21.56
CA VAL D 194 -5.38 -16.44 20.44
C VAL D 194 -4.58 -16.71 19.18
N ASP D 195 -3.43 -16.05 19.01
CA ASP D 195 -2.60 -16.28 17.82
C ASP D 195 -1.95 -17.66 17.86
N GLY D 196 -1.46 -18.10 19.02
CA GLY D 196 -0.92 -19.44 19.13
C GLY D 196 -1.97 -20.52 18.91
N LEU D 197 -3.17 -20.30 19.46
CA LEU D 197 -4.27 -21.25 19.27
C LEU D 197 -4.60 -21.41 17.80
N ILE D 198 -4.87 -20.31 17.09
CA ILE D 198 -5.19 -20.43 15.68
C ILE D 198 -4.05 -21.11 14.94
N GLY D 199 -2.81 -20.74 15.27
CA GLY D 199 -1.69 -21.32 14.56
C GLY D 199 -1.60 -22.83 14.69
N VAL D 200 -1.69 -23.35 15.92
CA VAL D 200 -1.53 -24.78 16.10
C VAL D 200 -2.78 -25.52 15.65
N ALA D 201 -3.96 -24.94 15.86
CA ALA D 201 -5.17 -25.62 15.36
C ALA D 201 -5.17 -25.71 13.84
N PHE D 202 -4.63 -24.68 13.17
CA PHE D 202 -4.60 -24.73 11.72
C PHE D 202 -3.63 -25.81 11.22
N VAL D 203 -2.51 -26.02 11.94
CA VAL D 203 -1.64 -27.12 11.56
C VAL D 203 -2.36 -28.44 11.76
N ASP D 204 -3.09 -28.57 12.87
CA ASP D 204 -3.83 -29.81 13.11
C ASP D 204 -4.86 -30.05 12.02
N MET D 205 -5.52 -28.99 11.56
N MET D 205 -5.53 -28.99 11.57
CA MET D 205 -6.50 -29.13 10.47
CA MET D 205 -6.48 -29.10 10.48
C MET D 205 -5.81 -29.61 9.20
C MET D 205 -5.80 -29.62 9.21
N LEU D 206 -4.73 -28.94 8.78
CA LEU D 206 -4.05 -29.33 7.56
C LEU D 206 -3.55 -30.76 7.64
N ARG D 207 -3.04 -31.17 8.81
CA ARG D 207 -2.38 -32.45 8.92
C ARG D 207 -3.38 -33.58 9.10
N ASN D 208 -4.56 -33.28 9.67
CA ASN D 208 -5.49 -34.32 10.09
C ASN D 208 -6.86 -34.32 9.42
N CYS D 209 -7.18 -33.34 8.59
CA CYS D 209 -8.51 -33.33 7.96
C CYS D 209 -8.62 -34.31 6.80
N GLY D 210 -7.48 -34.82 6.31
CA GLY D 210 -7.44 -35.83 5.29
C GLY D 210 -7.22 -35.32 3.87
N SER D 211 -7.25 -34.01 3.65
CA SER D 211 -7.13 -33.48 2.31
C SER D 211 -5.68 -33.22 1.92
N PHE D 212 -4.75 -33.29 2.88
CA PHE D 212 -3.37 -32.95 2.64
C PHE D 212 -2.45 -34.07 3.04
N THR D 213 -1.40 -34.27 2.26
CA THR D 213 -0.24 -35.00 2.76
C THR D 213 0.54 -34.13 3.74
N ARG D 214 1.43 -34.77 4.50
CA ARG D 214 2.31 -34.01 5.37
C ARG D 214 3.07 -32.96 4.57
N GLU D 215 3.58 -33.35 3.40
CA GLU D 215 4.38 -32.42 2.59
C GLU D 215 3.56 -31.21 2.17
N GLU D 216 2.32 -31.43 1.76
CA GLU D 216 1.45 -30.32 1.37
C GLU D 216 1.12 -29.43 2.56
N ALA D 217 0.79 -30.03 3.70
CA ALA D 217 0.53 -29.23 4.90
C ALA D 217 1.74 -28.40 5.25
N ASP D 218 2.93 -29.02 5.21
CA ASP D 218 4.15 -28.30 5.56
C ASP D 218 4.41 -27.15 4.58
N GLU D 219 4.15 -27.38 3.30
CA GLU D 219 4.36 -26.33 2.31
C GLU D 219 3.41 -25.14 2.55
N TYR D 220 2.14 -25.40 2.84
CA TYR D 220 1.22 -24.26 2.99
C TYR D 220 1.50 -23.45 4.24
N ILE D 221 2.00 -24.08 5.31
CA ILE D 221 2.49 -23.31 6.45
C ILE D 221 3.68 -22.49 6.04
N ASP D 222 4.59 -23.10 5.28
CA ASP D 222 5.84 -22.40 4.93
C ASP D 222 5.60 -21.18 4.05
N ILE D 223 4.65 -21.26 3.09
CA ILE D 223 4.44 -20.13 2.17
C ILE D 223 3.46 -19.10 2.71
N GLY D 224 2.94 -19.27 3.92
CA GLY D 224 2.25 -18.20 4.60
C GLY D 224 0.74 -18.26 4.68
N ALA D 225 0.14 -19.44 4.54
CA ALA D 225 -1.30 -19.56 4.72
C ALA D 225 -1.82 -18.87 5.97
N LEU D 226 -1.15 -19.03 7.12
N LEU D 226 -1.14 -19.03 7.11
CA LEU D 226 -1.65 -18.42 8.34
CA LEU D 226 -1.66 -18.43 8.34
C LEU D 226 -1.54 -16.91 8.33
C LEU D 226 -1.55 -16.91 8.32
N ASN D 227 -0.52 -16.36 7.70
CA ASN D 227 -0.46 -14.91 7.53
C ASN D 227 -1.71 -14.48 6.81
N GLY D 228 -2.14 -15.26 5.82
CA GLY D 228 -3.30 -14.91 5.05
C GLY D 228 -4.57 -14.95 5.87
N ILE D 229 -4.66 -15.90 6.79
CA ILE D 229 -5.84 -16.00 7.62
C ILE D 229 -6.02 -14.73 8.46
N PHE D 230 -4.93 -14.29 9.10
CA PHE D 230 -5.05 -13.09 9.92
C PHE D 230 -5.35 -11.85 9.06
N VAL D 231 -4.67 -11.72 7.91
CA VAL D 231 -4.87 -10.58 7.03
C VAL D 231 -6.30 -10.51 6.52
N LEU D 232 -6.83 -11.64 6.05
CA LEU D 232 -8.19 -11.61 5.50
C LEU D 232 -9.22 -11.34 6.61
N GLY D 233 -9.02 -11.95 7.78
CA GLY D 233 -9.96 -11.76 8.88
C GLY D 233 -9.98 -10.34 9.36
N ARG D 234 -8.81 -9.78 9.67
CA ARG D 234 -8.73 -8.47 10.27
C ARG D 234 -9.04 -7.35 9.26
N SER D 235 -8.97 -7.65 7.95
CA SER D 235 -9.43 -6.68 6.97
C SER D 235 -10.88 -6.26 7.20
N MET D 236 -11.70 -7.19 7.66
N MET D 236 -11.71 -7.18 7.68
CA MET D 236 -13.07 -6.84 8.01
CA MET D 236 -13.08 -6.79 7.96
C MET D 236 -13.12 -5.71 9.03
C MET D 236 -13.15 -5.71 9.04
N GLY D 237 -12.36 -5.88 10.11
CA GLY D 237 -12.37 -4.89 11.16
C GLY D 237 -11.82 -3.57 10.69
N PHE D 238 -10.73 -3.61 9.91
CA PHE D 238 -10.13 -2.36 9.47
C PHE D 238 -11.07 -1.58 8.56
N ILE D 239 -11.78 -2.26 7.65
CA ILE D 239 -12.80 -1.57 6.87
C ILE D 239 -13.88 -1.00 7.81
N GLY D 240 -14.25 -1.76 8.82
CA GLY D 240 -15.22 -1.25 9.78
C GLY D 240 -14.78 0.03 10.47
N HIS D 241 -13.49 0.10 10.81
CA HIS D 241 -12.98 1.31 11.46
C HIS D 241 -12.92 2.47 10.49
N TYR D 242 -12.58 2.20 9.23
CA TYR D 242 -12.68 3.23 8.20
C TYR D 242 -14.08 3.82 8.15
N LEU D 243 -15.08 2.97 8.03
CA LEU D 243 -16.45 3.44 7.94
C LEU D 243 -16.87 4.16 9.19
N ASP D 244 -16.41 3.68 10.35
CA ASP D 244 -16.76 4.28 11.65
C ASP D 244 -16.27 5.73 11.75
N GLN D 245 -15.04 5.98 11.35
CA GLN D 245 -14.50 7.34 11.43
C GLN D 245 -15.27 8.28 10.51
N LYS D 246 -15.73 7.79 9.37
CA LYS D 246 -16.52 8.64 8.48
C LYS D 246 -17.92 8.87 9.03
N ARG D 247 -18.53 7.83 9.60
CA ARG D 247 -19.84 7.96 10.21
C ARG D 247 -19.81 8.96 11.37
N LEU D 248 -18.71 8.98 12.12
CA LEU D 248 -18.51 9.86 13.27
C LEU D 248 -17.95 11.21 12.86
N LYS D 249 -17.74 11.41 11.57
CA LYS D 249 -17.35 12.69 10.97
C LYS D 249 -16.08 13.22 11.65
N GLN D 250 -15.08 12.35 11.73
CA GLN D 250 -13.84 12.65 12.42
C GLN D 250 -12.88 13.37 11.50
N GLY D 251 -12.35 14.50 11.97
CA GLY D 251 -11.45 15.32 11.18
C GLY D 251 -9.99 14.94 11.35
N LEU D 252 -9.13 15.70 10.66
CA LEU D 252 -7.70 15.40 10.63
C LEU D 252 -7.11 15.27 12.02
N TYR D 253 -6.31 14.24 12.21
CA TYR D 253 -5.57 14.03 13.45
C TYR D 253 -4.13 14.49 13.30
N ARG D 254 -3.60 15.07 14.37
CA ARG D 254 -2.18 15.35 14.47
C ARG D 254 -1.77 15.03 15.91
N HIS D 255 -0.71 14.25 16.07
CA HIS D 255 -0.34 13.76 17.39
C HIS D 255 0.18 14.91 18.26
N PRO D 256 -0.16 14.92 19.54
CA PRO D 256 0.21 16.06 20.38
C PRO D 256 1.69 16.06 20.76
N TRP D 257 2.28 17.26 20.72
CA TRP D 257 3.69 17.42 21.02
C TRP D 257 4.04 16.95 22.44
N ASP D 258 3.07 17.03 23.37
CA ASP D 258 3.30 16.61 24.74
C ASP D 258 3.70 15.14 24.85
N ASP D 259 3.30 14.31 23.88
CA ASP D 259 3.54 12.86 23.92
C ASP D 259 4.73 12.44 23.07
N ILE D 260 5.58 13.39 22.69
CA ILE D 260 6.70 13.13 21.80
C ILE D 260 7.96 13.66 22.45
N SER D 261 8.98 12.81 22.53
CA SER D 261 10.31 13.24 22.98
C SER D 261 11.18 13.51 21.76
N TYR D 262 11.60 14.76 21.59
CA TYR D 262 12.51 15.13 20.51
C TYR D 262 13.92 15.12 21.05
N VAL D 263 14.79 14.28 20.47
CA VAL D 263 16.18 14.19 20.89
C VAL D 263 17.09 14.37 19.69
N LEU D 264 17.14 15.60 19.15
CA LEU D 264 17.98 15.90 18.01
C LEU D 264 19.43 16.15 18.45
N PRO D 265 20.37 16.11 17.51
CA PRO D 265 21.76 16.48 17.85
C PRO D 265 21.96 18.00 17.97
#